data_8CRR
#
_entry.id   8CRR
#
_cell.length_a   1.00
_cell.length_b   1.00
_cell.length_c   1.00
_cell.angle_alpha   90.00
_cell.angle_beta   90.00
_cell.angle_gamma   90.00
#
_symmetry.space_group_name_H-M   'P 1'
#
loop_
_entity.id
_entity.type
_entity.pdbx_description
1 polymer Glycophorin-A
2 polymer 'Band 3 anion transport protein'
3 branched 2-acetamido-2-deoxy-beta-D-glucopyranose-(1-4)-2-acetamido-2-deoxy-beta-D-glucopyranose
4 non-polymer CHOLESTEROL
5 non-polymer '[(2R)-2-octanoyloxy-3-[oxidanyl-[(1R,2R,3S,4R,5R,6S)-2,3,6-tris(oxidanyl)-4,5-diphosphonooxy-cyclohexyl]oxy-phosphoryl]oxy-propyl] octanoate'
#
loop_
_entity_poly.entity_id
_entity_poly.type
_entity_poly.pdbx_seq_one_letter_code
_entity_poly.pdbx_strand_id
1 'polypeptide(L)'
;MYGKIIFVLLLSEIVSISASSTTGVAMHTSTSSSVTKSYISSQTNDTHKRDTYAATPRAHEVSEISVRTVYPPEEETGER
VQLAHHFSEPEITLIIFGVMAGVIGTILLISYGIRRLIKKSPSDVKPLPSPDTDVPLSSVEIENPETSDQ
;
B,D
2 'polypeptide(L)'
;MEELQDDYEDMMEENLEQEEYEDPDIPESQMEEPAAHDTEATATDYHTTSHPGTHKVYVELQELVMDEKNQELRWMEAAR
WVQLEENLGENGAWGRPHLSHLTFWSLLELRRVFTKGTVLLDLQETSLAGVANQLLDRFIFEDQIRPQDREELLRALLLK
HSHAGELEALGGVKPAVLTRSGDPSQPLLPQHSSLETQLFCEQGDGGTEGHSPSGILEKIPPDSEATLVLVGRADFLEQP
VLGFVRLQEAAELEAVELPVPIRFLFVLLGPEAPHIDYTQLGRAAATLMSERVFRIDAYMAQSRGELLHSLEGFLDCSLV
LPPTDAPSEQALLSLVPVQRELLRRRYQSSPAKPDSSFYKGLDLNGGPDDPLQQTGQLFGGLVRDIRRRYPYYLSDITDA
FSPQVLAAVIFIYFAALSPAITFGGLLGEKTRNQMGVSELLISTAVQGILFALLGAQPLLVVGFSGPLLVFEEAFFSFCE
TNGLEYIVGRVWIGFWLILLVVLVVAFEGSFLVRFISRYTQEIFSFLISLIFIYETFSKLIKIFQDHPLQKTYNYNVLMV
PKPQGPLPNTALLSLVLMAGTFFFAMMLRKFKNSSYFPGKLRRVIGDFGVPISILIMVLVDFFIQDTYTQKLSVPDGFKV
SNSSARGWVIHPLGLRSEFPIWMMFASALPALLVFILIFLESQITTLIVSKPERKMVKGSGFHLDLLLVVGMGGVAALFG
MPWLSATTVRSVTHANALTVMGKASTPGAAAQIQEVKEQRISGLLVAVLVGLSILMEPILSRIPLAVLFGIFLYMGVTSL
SGIQLFDRILLLFKPPKYHPDVPYVKRVKTWRMHLFTGIQIICLAVLWVVKSTPASLALPFVLILTVPLRRVLLPLIFRN
VELQCLDADDAKATFDEEEGRDEYDEVAMPV
;
C,E
#
loop_
_chem_comp.id
_chem_comp.type
_chem_comp.name
_chem_comp.formula
CLR non-polymer CHOLESTEROL 'C27 H46 O'
NAG D-saccharide, beta linking 2-acetamido-2-deoxy-beta-D-glucopyranose 'C8 H15 N O6'
PIO non-polymer '[(2R)-2-octanoyloxy-3-[oxidanyl-[(1R,2R,3S,4R,5R,6S)-2,3,6-tris(oxidanyl)-4,5-diphosphonooxy-cyclohexyl]oxy-phosphoryl]oxy-propyl] octanoate' 'C25 H49 O19 P3'
#
# COMPACT_ATOMS: atom_id res chain seq x y z
N GLY A 78 51.86 -16.09 -7.57
CA GLY A 78 50.81 -16.63 -6.73
C GLY A 78 50.72 -15.94 -5.37
N GLU A 79 50.33 -16.71 -4.36
CA GLU A 79 50.22 -16.19 -3.01
C GLU A 79 50.79 -17.19 -2.02
N ARG A 80 51.47 -16.68 -1.00
CA ARG A 80 52.17 -17.45 0.05
C ARG A 80 53.23 -18.30 -0.66
N VAL A 81 53.39 -19.58 -0.28
CA VAL A 81 54.40 -20.44 -0.88
C VAL A 81 53.68 -21.49 -1.73
N GLN A 82 54.05 -21.57 -3.01
CA GLN A 82 53.40 -22.46 -3.95
C GLN A 82 54.41 -23.45 -4.51
N LEU A 83 53.96 -24.69 -4.72
CA LEU A 83 54.83 -25.74 -5.22
C LEU A 83 55.32 -25.39 -6.62
N ALA A 84 56.59 -25.64 -6.88
CA ALA A 84 57.21 -25.32 -8.16
C ALA A 84 56.98 -26.47 -9.14
N HIS A 85 56.40 -26.15 -10.29
CA HIS A 85 56.10 -27.14 -11.32
C HIS A 85 57.02 -26.92 -12.52
N HIS A 86 57.15 -27.97 -13.33
CA HIS A 86 58.03 -27.91 -14.51
C HIS A 86 57.51 -26.88 -15.51
N PHE A 87 56.19 -26.84 -15.70
CA PHE A 87 55.56 -25.87 -16.60
C PHE A 87 55.02 -24.71 -15.78
N SER A 88 55.26 -23.50 -16.25
CA SER A 88 54.69 -22.32 -15.62
C SER A 88 53.22 -22.18 -16.03
N GLU A 89 52.55 -21.19 -15.43
CA GLU A 89 51.14 -20.97 -15.74
C GLU A 89 50.90 -20.69 -17.23
N PRO A 90 51.60 -19.77 -17.90
CA PRO A 90 51.38 -19.63 -19.35
C PRO A 90 51.71 -20.88 -20.13
N GLU A 91 52.78 -21.58 -19.76
CA GLU A 91 53.15 -22.80 -20.47
C GLU A 91 52.09 -23.89 -20.29
N ILE A 92 51.62 -24.09 -19.06
CA ILE A 92 50.65 -25.15 -18.81
C ILE A 92 49.32 -24.82 -19.45
N THR A 93 48.91 -23.54 -19.44
CA THR A 93 47.62 -23.22 -20.07
C THR A 93 47.72 -23.28 -21.58
N LEU A 94 48.89 -22.97 -22.15
CA LEU A 94 49.08 -23.15 -23.58
C LEU A 94 49.05 -24.63 -23.96
N ILE A 95 49.64 -25.48 -23.13
CA ILE A 95 49.58 -26.91 -23.38
C ILE A 95 48.14 -27.40 -23.33
N ILE A 96 47.38 -26.97 -22.33
CA ILE A 96 46.01 -27.44 -22.18
C ILE A 96 45.15 -26.96 -23.33
N PHE A 97 45.28 -25.70 -23.73
CA PHE A 97 44.55 -25.19 -24.88
C PHE A 97 44.95 -25.88 -26.17
N GLY A 98 46.23 -26.23 -26.32
CA GLY A 98 46.65 -26.95 -27.51
C GLY A 98 46.07 -28.35 -27.59
N VAL A 99 46.07 -29.08 -26.47
CA VAL A 99 45.46 -30.40 -26.46
C VAL A 99 43.95 -30.30 -26.70
N MET A 100 43.32 -29.27 -26.13
CA MET A 100 41.89 -29.05 -26.38
C MET A 100 41.62 -28.78 -27.85
N ALA A 101 42.46 -27.96 -28.49
CA ALA A 101 42.28 -27.66 -29.90
C ALA A 101 42.49 -28.91 -30.76
N GLY A 102 43.47 -29.74 -30.39
CA GLY A 102 43.65 -31.00 -31.10
C GLY A 102 42.45 -31.92 -30.98
N VAL A 103 41.88 -32.02 -29.78
CA VAL A 103 40.69 -32.84 -29.58
C VAL A 103 39.52 -32.30 -30.40
N ILE A 104 39.33 -30.98 -30.40
CA ILE A 104 38.24 -30.38 -31.17
C ILE A 104 38.43 -30.64 -32.66
N GLY A 105 39.65 -30.46 -33.15
CA GLY A 105 39.91 -30.70 -34.56
C GLY A 105 39.73 -32.15 -34.95
N THR A 106 40.12 -33.08 -34.08
CA THR A 106 39.90 -34.50 -34.35
C THR A 106 38.41 -34.81 -34.42
N ILE A 107 37.63 -34.25 -33.49
CA ILE A 107 36.18 -34.47 -33.50
C ILE A 107 35.55 -33.89 -34.76
N LEU A 108 35.98 -32.69 -35.16
CA LEU A 108 35.41 -32.07 -36.35
C LEU A 108 35.80 -32.83 -37.62
N LEU A 109 37.04 -33.32 -37.70
CA LEU A 109 37.44 -34.11 -38.86
C LEU A 109 36.70 -35.44 -38.91
N ILE A 110 36.45 -36.07 -37.76
CA ILE A 110 35.68 -37.30 -37.72
C ILE A 110 34.25 -37.04 -38.20
N SER A 111 33.65 -35.94 -37.73
CA SER A 111 32.30 -35.59 -38.17
C SER A 111 32.27 -35.30 -39.67
N TYR A 112 33.31 -34.66 -40.19
CA TYR A 112 33.40 -34.39 -41.62
C TYR A 112 33.50 -35.69 -42.40
N GLY A 113 34.29 -36.65 -41.90
CA GLY A 113 34.40 -37.93 -42.58
C GLY A 113 33.09 -38.69 -42.60
N ILE A 114 32.40 -38.72 -41.46
CA ILE A 114 31.05 -39.29 -41.44
C ILE A 114 30.10 -38.36 -42.19
N ARG A 115 28.93 -38.90 -42.53
CA ARG A 115 27.87 -38.25 -43.32
C ARG A 115 28.28 -38.03 -44.77
N ARG A 116 29.39 -38.62 -45.22
CA ARG A 116 29.81 -38.53 -46.62
C ARG A 116 29.94 -39.88 -47.31
N LEU A 117 30.53 -40.87 -46.64
CA LEU A 117 30.69 -42.20 -47.23
C LEU A 117 29.38 -42.98 -47.17
N GLY B 78 -27.44 15.86 45.03
CA GLY B 78 -26.38 15.76 44.05
C GLY B 78 -25.17 14.97 44.54
N GLU B 79 -24.06 15.67 44.77
CA GLU B 79 -22.85 15.04 45.27
C GLU B 79 -22.17 15.97 46.27
N ARG B 80 -21.47 15.37 47.22
CA ARG B 80 -20.72 16.07 48.28
C ARG B 80 -21.74 16.90 49.08
N VAL B 81 -21.43 18.15 49.39
CA VAL B 81 -22.36 19.04 50.09
C VAL B 81 -22.81 20.10 49.09
N GLN B 82 -24.13 20.22 48.91
CA GLN B 82 -24.72 21.15 47.97
C GLN B 82 -25.52 22.21 48.70
N LEU B 83 -25.54 23.42 48.14
CA LEU B 83 -26.26 24.52 48.76
C LEU B 83 -27.76 24.25 48.73
N ALA B 84 -28.44 24.55 49.83
CA ALA B 84 -29.85 24.27 49.95
C ALA B 84 -30.67 25.40 49.32
N HIS B 85 -31.44 25.06 48.29
CA HIS B 85 -32.30 26.02 47.61
C HIS B 85 -33.73 25.84 48.05
N HIS B 86 -34.51 26.91 47.92
CA HIS B 86 -35.93 26.85 48.30
C HIS B 86 -36.68 25.83 47.44
N PHE B 87 -36.39 25.80 46.15
CA PHE B 87 -36.99 24.85 45.24
C PHE B 87 -36.02 23.70 45.01
N SER B 88 -36.54 22.47 44.96
CA SER B 88 -35.73 21.33 44.57
C SER B 88 -35.53 21.33 43.06
N GLU B 89 -34.78 20.34 42.59
CA GLU B 89 -34.48 20.25 41.15
C GLU B 89 -35.73 20.08 40.29
N PRO B 90 -36.65 19.14 40.55
CA PRO B 90 -37.87 19.08 39.73
C PRO B 90 -38.71 20.34 39.80
N GLU B 91 -38.80 20.97 40.98
CA GLU B 91 -39.60 22.18 41.11
C GLU B 91 -39.01 23.32 40.29
N ILE B 92 -37.70 23.52 40.37
CA ILE B 92 -37.10 24.64 39.66
C ILE B 92 -37.12 24.37 38.15
N THR B 93 -36.92 23.13 37.73
CA THR B 93 -36.95 22.86 36.29
C THR B 93 -38.38 22.97 35.75
N LEU B 94 -39.39 22.64 36.57
CA LEU B 94 -40.77 22.85 36.16
C LEU B 94 -41.10 24.33 36.05
N ILE B 95 -40.61 25.13 37.00
CA ILE B 95 -40.82 26.58 36.93
C ILE B 95 -40.19 27.14 35.66
N ILE B 96 -38.95 26.72 35.36
CA ILE B 96 -38.25 27.24 34.19
C ILE B 96 -38.93 26.80 32.90
N PHE B 97 -39.37 25.53 32.84
CA PHE B 97 -40.08 25.07 31.65
C PHE B 97 -41.42 25.77 31.48
N GLY B 98 -42.11 26.08 32.58
CA GLY B 98 -43.35 26.84 32.47
C GLY B 98 -43.12 28.25 31.99
N VAL B 99 -42.05 28.90 32.48
CA VAL B 99 -41.70 30.25 32.00
C VAL B 99 -41.36 30.21 30.52
N MET B 100 -40.58 29.21 30.11
CA MET B 100 -40.21 29.07 28.70
C MET B 100 -41.43 28.82 27.82
N ALA B 101 -42.34 27.96 28.28
CA ALA B 101 -43.57 27.70 27.53
C ALA B 101 -44.43 28.96 27.44
N GLY B 102 -44.49 29.73 28.52
CA GLY B 102 -45.23 30.98 28.46
C GLY B 102 -44.65 31.95 27.47
N VAL B 103 -43.31 32.06 27.44
CA VAL B 103 -42.65 32.94 26.48
C VAL B 103 -42.90 32.47 25.05
N ILE B 104 -42.81 31.16 24.81
CA ILE B 104 -43.05 30.63 23.46
C ILE B 104 -44.49 30.88 23.05
N GLY B 105 -45.43 30.64 23.96
CA GLY B 105 -46.83 30.88 23.63
C GLY B 105 -47.13 32.35 23.38
N THR B 106 -46.50 33.24 24.15
CA THR B 106 -46.65 34.67 23.92
C THR B 106 -46.13 35.06 22.54
N ILE B 107 -44.96 34.51 22.17
CA ILE B 107 -44.39 34.80 20.85
C ILE B 107 -45.31 34.29 19.75
N LEU B 108 -45.84 33.07 19.90
CA LEU B 108 -46.70 32.50 18.87
C LEU B 108 -48.01 33.27 18.75
N LEU B 109 -48.58 33.69 19.88
CA LEU B 109 -49.82 34.47 19.83
C LEU B 109 -49.59 35.84 19.22
N ILE B 110 -48.45 36.47 19.53
CA ILE B 110 -48.11 37.74 18.91
C ILE B 110 -47.97 37.58 17.40
N SER B 111 -47.29 36.51 16.97
CA SER B 111 -47.15 36.24 15.54
C SER B 111 -48.51 35.98 14.89
N TYR B 112 -49.41 35.32 15.62
CA TYR B 112 -50.77 35.11 15.13
C TYR B 112 -51.51 36.43 14.96
N GLY B 113 -51.28 37.38 15.88
CA GLY B 113 -51.91 38.69 15.75
C GLY B 113 -51.41 39.45 14.53
N ILE B 114 -50.10 39.43 14.29
CA ILE B 114 -49.51 40.09 13.13
C ILE B 114 -49.82 39.23 11.90
N ARG B 115 -49.63 39.80 10.71
CA ARG B 115 -49.97 39.25 9.40
C ARG B 115 -51.48 39.10 9.21
N ARG B 116 -52.29 39.65 10.10
CA ARG B 116 -53.74 39.60 9.98
C ARG B 116 -54.38 40.99 9.91
N LEU B 117 -53.93 41.94 10.71
CA LEU B 117 -54.46 43.30 10.67
C LEU B 117 -53.81 44.09 9.53
N PRO C 371 15.40 -18.61 -35.95
CA PRO C 371 16.62 -18.56 -35.13
C PRO C 371 17.01 -19.93 -34.61
N LEU C 372 16.05 -20.85 -34.59
CA LEU C 372 16.25 -22.18 -34.04
C LEU C 372 16.30 -23.27 -35.10
N GLN C 373 16.42 -22.90 -36.37
CA GLN C 373 16.59 -23.89 -37.42
C GLN C 373 18.03 -24.39 -37.45
N GLN C 374 18.20 -25.62 -37.92
CA GLN C 374 19.51 -26.26 -38.00
C GLN C 374 20.00 -26.17 -39.43
N THR C 375 21.17 -25.55 -39.62
CA THR C 375 21.72 -25.37 -40.96
C THR C 375 22.37 -26.66 -41.48
N GLY C 376 23.01 -27.42 -40.61
CA GLY C 376 23.82 -28.54 -41.01
C GLY C 376 25.27 -28.22 -41.27
N GLN C 377 25.64 -26.94 -41.22
CA GLN C 377 27.01 -26.48 -41.40
C GLN C 377 27.65 -26.27 -40.03
N LEU C 378 28.92 -26.65 -39.91
CA LEU C 378 29.63 -26.49 -38.64
C LEU C 378 29.69 -25.02 -38.25
N PHE C 379 29.32 -24.74 -37.00
CA PHE C 379 29.16 -23.38 -36.48
C PHE C 379 28.19 -22.55 -37.30
N GLY C 380 27.27 -23.20 -38.01
CA GLY C 380 26.33 -22.47 -38.84
C GLY C 380 25.40 -21.58 -38.03
N GLY C 381 24.92 -22.09 -36.89
CA GLY C 381 24.08 -21.28 -36.03
C GLY C 381 24.81 -20.08 -35.47
N LEU C 382 26.10 -20.24 -35.16
CA LEU C 382 26.90 -19.12 -34.67
C LEU C 382 27.02 -18.03 -35.73
N VAL C 383 27.24 -18.43 -36.98
CA VAL C 383 27.41 -17.46 -38.06
C VAL C 383 26.11 -16.72 -38.34
N ARG C 384 24.98 -17.44 -38.26
CA ARG C 384 23.68 -16.80 -38.50
C ARG C 384 23.35 -15.76 -37.43
N ASP C 385 23.70 -16.04 -36.17
CA ASP C 385 23.40 -15.11 -35.10
C ASP C 385 24.17 -13.81 -35.25
N ILE C 386 25.44 -13.90 -35.65
CA ILE C 386 26.23 -12.70 -35.91
C ILE C 386 25.71 -11.96 -37.13
N ARG C 387 25.28 -12.70 -38.15
CA ARG C 387 24.72 -12.09 -39.34
C ARG C 387 23.39 -11.41 -39.04
N ARG C 388 22.73 -11.81 -37.96
CA ARG C 388 21.39 -11.30 -37.67
C ARG C 388 21.45 -10.04 -36.82
N ARG C 389 22.35 -9.99 -35.85
CA ARG C 389 22.34 -8.94 -34.83
C ARG C 389 23.40 -7.88 -35.04
N TYR C 390 24.60 -8.24 -35.46
CA TYR C 390 25.68 -7.27 -35.67
C TYR C 390 25.39 -6.21 -36.73
N PRO C 391 24.57 -6.47 -37.76
CA PRO C 391 24.13 -5.34 -38.61
C PRO C 391 23.43 -4.23 -37.86
N TYR C 392 22.79 -4.52 -36.74
CA TYR C 392 22.11 -3.49 -35.95
C TYR C 392 23.01 -2.82 -34.93
N TYR C 393 24.33 -3.00 -35.03
CA TYR C 393 25.22 -2.54 -33.96
C TYR C 393 25.19 -1.03 -33.82
N LEU C 394 25.07 -0.30 -34.92
CA LEU C 394 25.00 1.15 -34.85
C LEU C 394 23.74 1.61 -34.14
N SER C 395 22.62 0.93 -34.39
CA SER C 395 21.38 1.25 -33.69
C SER C 395 21.45 0.90 -32.21
N ASP C 396 22.29 -0.08 -31.85
CA ASP C 396 22.42 -0.49 -30.45
C ASP C 396 23.10 0.56 -29.59
N ILE C 397 23.68 1.60 -30.18
CA ILE C 397 24.28 2.69 -29.46
C ILE C 397 23.37 3.93 -29.47
N THR C 398 22.76 4.21 -30.62
CA THR C 398 21.89 5.38 -30.73
C THR C 398 20.54 5.18 -30.07
N ASP C 399 20.03 3.95 -29.99
CA ASP C 399 18.75 3.70 -29.35
C ASP C 399 18.81 3.87 -27.84
N ALA C 400 20.00 3.99 -27.26
CA ALA C 400 20.16 4.15 -25.83
C ALA C 400 20.07 5.60 -25.38
N PHE C 401 19.93 6.55 -26.31
CA PHE C 401 19.91 7.96 -25.97
C PHE C 401 18.48 8.35 -25.59
N SER C 402 18.09 7.96 -24.37
CA SER C 402 16.79 8.26 -23.81
C SER C 402 16.87 8.15 -22.30
N PRO C 403 16.10 8.95 -21.55
CA PRO C 403 16.16 8.87 -20.08
C PRO C 403 15.69 7.54 -19.53
N GLN C 404 14.85 6.81 -20.27
CA GLN C 404 14.41 5.51 -19.81
C GLN C 404 15.57 4.53 -19.72
N VAL C 405 16.52 4.64 -20.64
CA VAL C 405 17.71 3.78 -20.59
C VAL C 405 18.54 4.09 -19.35
N LEU C 406 18.69 5.37 -19.00
CA LEU C 406 19.45 5.73 -17.81
C LEU C 406 18.75 5.26 -16.53
N ALA C 407 17.42 5.40 -16.49
CA ALA C 407 16.68 4.89 -15.35
C ALA C 407 16.79 3.38 -15.24
N ALA C 408 16.79 2.69 -16.39
CA ALA C 408 17.03 1.25 -16.40
C ALA C 408 18.42 0.92 -15.89
N VAL C 409 19.41 1.75 -16.22
CA VAL C 409 20.76 1.55 -15.71
C VAL C 409 20.77 1.61 -14.19
N ILE C 410 20.12 2.64 -13.63
CA ILE C 410 20.13 2.80 -12.17
C ILE C 410 19.35 1.67 -11.50
N PHE C 411 18.24 1.23 -12.10
CA PHE C 411 17.49 0.11 -11.56
C PHE C 411 18.32 -1.18 -11.57
N ILE C 412 18.78 -1.58 -12.76
CA ILE C 412 19.47 -2.86 -12.90
C ILE C 412 20.83 -2.84 -12.23
N TYR C 413 21.38 -1.65 -11.93
CA TYR C 413 22.61 -1.60 -11.15
C TYR C 413 22.42 -2.21 -9.77
N PHE C 414 21.40 -1.75 -9.05
CA PHE C 414 21.13 -2.35 -7.74
C PHE C 414 20.63 -3.78 -7.88
N ALA C 415 19.79 -4.03 -8.88
CA ALA C 415 19.26 -5.36 -9.10
C ALA C 415 20.36 -6.38 -9.39
N ALA C 416 21.51 -5.94 -9.88
CA ALA C 416 22.63 -6.83 -10.15
C ALA C 416 23.71 -6.78 -9.08
N LEU C 417 23.85 -5.65 -8.39
CA LEU C 417 24.86 -5.52 -7.36
C LEU C 417 24.49 -6.27 -6.09
N SER C 418 23.22 -6.17 -5.68
CA SER C 418 22.81 -6.81 -4.43
C SER C 418 22.94 -8.33 -4.47
N PRO C 419 22.48 -9.05 -5.51
CA PRO C 419 22.79 -10.48 -5.56
C PRO C 419 24.27 -10.77 -5.58
N ALA C 420 25.06 -9.91 -6.23
CA ALA C 420 26.50 -10.11 -6.25
C ALA C 420 27.08 -10.04 -4.85
N ILE C 421 26.68 -9.04 -4.07
CA ILE C 421 27.22 -8.89 -2.71
C ILE C 421 26.74 -10.03 -1.81
N THR C 422 25.45 -10.38 -1.89
CA THR C 422 24.93 -11.44 -1.03
C THR C 422 25.55 -12.80 -1.38
N PHE C 423 25.61 -13.13 -2.66
CA PHE C 423 26.20 -14.40 -3.08
C PHE C 423 27.70 -14.43 -2.83
N GLY C 424 28.37 -13.28 -2.95
CA GLY C 424 29.77 -13.24 -2.61
C GLY C 424 30.02 -13.48 -1.13
N GLY C 425 29.19 -12.90 -0.28
CA GLY C 425 29.30 -13.18 1.14
C GLY C 425 29.06 -14.64 1.46
N LEU C 426 28.00 -15.21 0.88
CA LEU C 426 27.71 -16.62 1.12
C LEU C 426 28.81 -17.52 0.59
N LEU C 427 29.36 -17.20 -0.58
CA LEU C 427 30.41 -18.01 -1.18
C LEU C 427 31.69 -17.93 -0.35
N GLY C 428 32.03 -16.74 0.14
CA GLY C 428 33.18 -16.61 1.01
C GLY C 428 33.01 -17.34 2.33
N GLU C 429 31.78 -17.35 2.86
CA GLU C 429 31.52 -18.12 4.06
C GLU C 429 31.65 -19.61 3.81
N LYS C 430 31.15 -20.09 2.66
CA LYS C 430 31.06 -21.51 2.39
C LYS C 430 32.32 -22.11 1.79
N THR C 431 33.27 -21.29 1.32
CA THR C 431 34.49 -21.81 0.72
C THR C 431 35.75 -21.27 1.39
N ARG C 432 35.63 -20.77 2.62
CA ARG C 432 36.74 -20.14 3.34
C ARG C 432 37.38 -19.01 2.54
N ASN C 433 36.54 -18.22 1.88
CA ASN C 433 36.92 -17.04 1.11
C ASN C 433 37.88 -17.35 -0.04
N GLN C 434 37.90 -18.59 -0.54
CA GLN C 434 38.64 -18.87 -1.75
C GLN C 434 38.01 -18.18 -2.94
N MET C 435 36.69 -18.11 -2.97
CA MET C 435 35.95 -17.21 -3.85
C MET C 435 35.02 -16.38 -2.98
N GLY C 436 35.04 -15.06 -3.18
CA GLY C 436 34.28 -14.17 -2.32
C GLY C 436 33.63 -13.03 -3.06
N VAL C 437 33.46 -11.90 -2.37
CA VAL C 437 32.73 -10.78 -2.96
C VAL C 437 33.53 -10.14 -4.08
N SER C 438 34.83 -9.92 -3.85
CA SER C 438 35.64 -9.21 -4.84
C SER C 438 35.76 -10.00 -6.14
N GLU C 439 35.99 -11.31 -6.03
CA GLU C 439 36.06 -12.15 -7.23
C GLU C 439 34.75 -12.12 -7.99
N LEU C 440 33.63 -12.20 -7.28
CA LEU C 440 32.32 -12.19 -7.93
C LEU C 440 32.04 -10.86 -8.60
N LEU C 441 32.38 -9.75 -7.95
CA LEU C 441 32.17 -8.44 -8.54
C LEU C 441 33.00 -8.25 -9.80
N ILE C 442 34.28 -8.66 -9.75
CA ILE C 442 35.14 -8.51 -10.91
C ILE C 442 34.67 -9.39 -12.05
N SER C 443 34.30 -10.64 -11.76
CA SER C 443 33.81 -11.54 -12.81
C SER C 443 32.52 -11.01 -13.42
N THR C 444 31.60 -10.53 -12.58
CA THR C 444 30.34 -9.98 -13.07
C THR C 444 30.58 -8.80 -13.98
N ALA C 445 31.46 -7.88 -13.56
CA ALA C 445 31.74 -6.69 -14.36
C ALA C 445 32.36 -7.05 -15.69
N VAL C 446 33.39 -7.90 -15.67
CA VAL C 446 34.11 -8.21 -16.91
C VAL C 446 33.21 -8.95 -17.88
N GLN C 447 32.49 -9.97 -17.39
CA GLN C 447 31.63 -10.73 -18.28
C GLN C 447 30.46 -9.90 -18.78
N GLY C 448 29.93 -9.00 -17.95
CA GLY C 448 28.87 -8.12 -18.41
C GLY C 448 29.33 -7.15 -19.48
N ILE C 449 30.53 -6.59 -19.31
CA ILE C 449 31.09 -5.69 -20.32
C ILE C 449 31.29 -6.43 -21.64
N LEU C 450 31.88 -7.62 -21.58
CA LEU C 450 32.16 -8.36 -22.80
C LEU C 450 30.88 -8.87 -23.45
N PHE C 451 29.86 -9.16 -22.65
CA PHE C 451 28.59 -9.62 -23.22
C PHE C 451 27.83 -8.47 -23.87
N ALA C 452 27.81 -7.30 -23.23
CA ALA C 452 27.14 -6.16 -23.83
C ALA C 452 27.85 -5.71 -25.10
N LEU C 453 29.19 -5.84 -25.13
CA LEU C 453 29.92 -5.42 -26.32
C LEU C 453 29.78 -6.42 -27.47
N LEU C 454 29.64 -7.71 -27.18
CA LEU C 454 29.68 -8.72 -28.22
C LEU C 454 28.45 -9.60 -28.33
N GLY C 455 27.57 -9.61 -27.33
CA GLY C 455 26.47 -10.56 -27.33
C GLY C 455 25.41 -10.23 -28.37
N ALA C 456 24.62 -11.25 -28.70
CA ALA C 456 23.54 -11.11 -29.66
C ALA C 456 22.20 -10.76 -29.03
N GLN C 457 22.05 -10.93 -27.72
CA GLN C 457 20.88 -10.44 -26.99
C GLN C 457 21.40 -9.64 -25.81
N PRO C 458 21.69 -8.35 -26.02
CA PRO C 458 22.30 -7.53 -24.97
C PRO C 458 21.41 -7.30 -23.76
N LEU C 459 20.11 -7.59 -23.85
CA LEU C 459 19.19 -7.34 -22.76
C LEU C 459 19.31 -8.37 -21.63
N LEU C 460 20.02 -9.47 -21.86
CA LEU C 460 20.28 -10.42 -20.79
C LEU C 460 21.23 -9.82 -19.76
N VAL C 461 21.03 -10.18 -18.50
CA VAL C 461 21.89 -9.75 -17.40
C VAL C 461 22.65 -10.95 -16.88
N VAL C 462 23.97 -10.89 -16.94
CA VAL C 462 24.84 -12.01 -16.63
C VAL C 462 25.30 -11.91 -15.19
N GLY C 463 25.10 -12.97 -14.42
CA GLY C 463 25.49 -12.93 -13.02
C GLY C 463 25.36 -14.28 -12.36
N PHE C 464 25.76 -14.31 -11.09
CA PHE C 464 25.69 -15.51 -10.26
C PHE C 464 24.24 -15.81 -9.88
N SER C 465 23.99 -17.08 -9.56
CA SER C 465 22.64 -17.53 -9.25
C SER C 465 22.69 -18.57 -8.15
N GLY C 466 21.51 -18.93 -7.64
CA GLY C 466 21.37 -19.90 -6.59
C GLY C 466 21.86 -21.30 -6.92
N PRO C 467 21.47 -21.85 -8.09
CA PRO C 467 22.03 -23.16 -8.47
C PRO C 467 23.54 -23.18 -8.56
N LEU C 468 24.16 -22.10 -9.03
CA LEU C 468 25.61 -22.04 -9.07
C LEU C 468 26.21 -22.03 -7.67
N LEU C 469 25.56 -21.33 -6.74
CA LEU C 469 26.03 -21.36 -5.34
C LEU C 469 25.93 -22.76 -4.75
N VAL C 470 24.84 -23.46 -5.06
CA VAL C 470 24.68 -24.82 -4.55
C VAL C 470 25.74 -25.74 -5.14
N PHE C 471 26.05 -25.57 -6.43
CA PHE C 471 27.12 -26.37 -7.02
C PHE C 471 28.46 -26.07 -6.38
N GLU C 472 28.73 -24.80 -6.09
CA GLU C 472 29.99 -24.45 -5.44
C GLU C 472 30.10 -25.08 -4.06
N GLU C 473 29.00 -25.07 -3.31
CA GLU C 473 28.97 -25.75 -2.02
C GLU C 473 29.27 -27.24 -2.16
N ALA C 474 28.59 -27.90 -3.10
CA ALA C 474 28.78 -29.33 -3.28
C ALA C 474 30.20 -29.66 -3.70
N PHE C 475 30.76 -28.86 -4.61
CA PHE C 475 32.10 -29.12 -5.10
C PHE C 475 33.16 -28.85 -4.03
N PHE C 476 32.95 -27.81 -3.22
CA PHE C 476 33.87 -27.56 -2.11
C PHE C 476 33.83 -28.68 -1.09
N SER C 477 32.63 -29.21 -0.81
CA SER C 477 32.52 -30.35 0.09
C SER C 477 33.21 -31.58 -0.49
N PHE C 478 33.05 -31.81 -1.80
CA PHE C 478 33.71 -32.94 -2.45
C PHE C 478 35.22 -32.81 -2.38
N CYS C 479 35.75 -31.61 -2.64
CA CYS C 479 37.19 -31.41 -2.60
C CYS C 479 37.72 -31.50 -1.18
N GLU C 480 36.92 -31.11 -0.19
CA GLU C 480 37.32 -31.28 1.20
C GLU C 480 37.38 -32.75 1.58
N THR C 481 36.43 -33.55 1.08
CA THR C 481 36.42 -34.97 1.39
C THR C 481 37.60 -35.71 0.76
N ASN C 482 37.97 -35.35 -0.46
CA ASN C 482 38.98 -36.07 -1.21
C ASN C 482 40.35 -35.40 -1.17
N GLY C 483 40.56 -34.44 -0.28
CA GLY C 483 41.84 -33.78 -0.16
C GLY C 483 42.27 -33.03 -1.39
N LEU C 484 41.31 -32.43 -2.11
CA LEU C 484 41.57 -31.70 -3.34
C LEU C 484 41.57 -30.21 -3.08
N GLU C 485 42.33 -29.49 -3.90
CA GLU C 485 42.27 -28.04 -3.92
C GLU C 485 41.05 -27.61 -4.72
N TYR C 486 40.13 -26.91 -4.05
CA TYR C 486 38.85 -26.57 -4.65
C TYR C 486 39.01 -25.62 -5.83
N ILE C 487 39.91 -24.65 -5.71
CA ILE C 487 40.07 -23.64 -6.75
C ILE C 487 40.71 -24.23 -8.01
N VAL C 488 41.65 -25.18 -7.84
CA VAL C 488 42.25 -25.82 -8.99
C VAL C 488 41.26 -26.74 -9.67
N GLY C 489 40.42 -27.42 -8.89
CA GLY C 489 39.33 -28.20 -9.45
C GLY C 489 38.38 -27.35 -10.26
N ARG C 490 38.09 -26.13 -9.78
CA ARG C 490 37.28 -25.20 -10.57
C ARG C 490 37.98 -24.83 -11.87
N VAL C 491 39.30 -24.64 -11.83
CA VAL C 491 40.05 -24.34 -13.05
C VAL C 491 39.87 -25.46 -14.07
N TRP C 492 39.96 -26.70 -13.63
CA TRP C 492 39.82 -27.81 -14.59
C TRP C 492 38.38 -27.97 -15.06
N ILE C 493 37.40 -27.70 -14.21
CA ILE C 493 36.00 -27.70 -14.66
C ILE C 493 35.79 -26.64 -15.74
N GLY C 494 36.38 -25.45 -15.53
CA GLY C 494 36.29 -24.42 -16.55
C GLY C 494 36.98 -24.82 -17.85
N PHE C 495 38.10 -25.54 -17.74
CA PHE C 495 38.77 -26.05 -18.94
C PHE C 495 37.86 -27.00 -19.71
N TRP C 496 37.14 -27.87 -19.00
CA TRP C 496 36.21 -28.76 -19.70
C TRP C 496 34.97 -28.03 -20.21
N LEU C 497 34.58 -26.92 -19.57
CA LEU C 497 33.42 -26.16 -20.02
C LEU C 497 33.65 -25.55 -21.39
N ILE C 498 34.87 -25.06 -21.65
CA ILE C 498 35.20 -24.46 -22.94
C ILE C 498 35.09 -25.50 -24.04
N LEU C 499 35.58 -26.72 -23.78
CA LEU C 499 35.50 -27.78 -24.77
C LEU C 499 34.05 -28.13 -25.09
N LEU C 500 33.19 -28.16 -24.08
CA LEU C 500 31.79 -28.54 -24.29
C LEU C 500 31.05 -27.51 -25.13
N VAL C 501 31.18 -26.23 -24.79
CA VAL C 501 30.38 -25.21 -25.46
C VAL C 501 30.87 -25.00 -26.89
N VAL C 502 32.15 -25.22 -27.15
CA VAL C 502 32.65 -25.18 -28.52
C VAL C 502 32.02 -26.29 -29.35
N LEU C 503 31.95 -27.49 -28.79
CA LEU C 503 31.36 -28.62 -29.52
C LEU C 503 29.87 -28.42 -29.76
N VAL C 504 29.14 -27.93 -28.75
CA VAL C 504 27.70 -27.74 -28.90
C VAL C 504 27.40 -26.67 -29.94
N VAL C 505 28.15 -25.57 -29.92
CA VAL C 505 27.97 -24.52 -30.91
C VAL C 505 28.42 -25.02 -32.29
N ALA C 506 29.44 -25.86 -32.33
CA ALA C 506 29.93 -26.40 -33.60
C ALA C 506 28.86 -27.24 -34.29
N PHE C 507 28.13 -28.05 -33.52
CA PHE C 507 27.11 -28.93 -34.07
C PHE C 507 25.71 -28.36 -33.91
N GLU C 508 25.60 -27.05 -33.65
CA GLU C 508 24.33 -26.35 -33.55
C GLU C 508 23.42 -26.97 -32.49
N GLY C 509 24.01 -27.36 -31.36
CA GLY C 509 23.25 -28.02 -30.31
C GLY C 509 22.17 -27.16 -29.70
N SER C 510 22.24 -25.85 -29.89
CA SER C 510 21.21 -24.95 -29.38
C SER C 510 19.96 -24.96 -30.23
N PHE C 511 19.90 -25.80 -31.27
CA PHE C 511 18.65 -25.96 -32.00
C PHE C 511 17.65 -26.78 -31.20
N LEU C 512 18.11 -27.53 -30.20
CA LEU C 512 17.23 -28.31 -29.35
C LEU C 512 16.36 -27.45 -28.45
N VAL C 513 16.65 -26.15 -28.36
CA VAL C 513 15.84 -25.24 -27.56
C VAL C 513 14.43 -25.08 -28.14
N ARG C 514 14.25 -25.39 -29.42
CA ARG C 514 12.94 -25.24 -30.05
C ARG C 514 11.88 -26.15 -29.45
N PHE C 515 12.29 -27.22 -28.77
CA PHE C 515 11.35 -28.16 -28.17
C PHE C 515 10.89 -27.72 -26.79
N ILE C 516 11.46 -26.65 -26.24
CA ILE C 516 10.99 -26.06 -24.99
C ILE C 516 9.86 -25.11 -25.37
N SER C 517 8.62 -25.55 -25.20
CA SER C 517 7.48 -24.75 -25.58
C SER C 517 7.11 -23.79 -24.45
N ARG C 518 6.01 -23.06 -24.65
CA ARG C 518 5.53 -22.11 -23.65
C ARG C 518 5.22 -22.81 -22.33
N TYR C 519 4.90 -24.10 -22.38
CA TYR C 519 4.67 -24.90 -21.20
C TYR C 519 5.87 -24.85 -20.24
N THR C 520 7.01 -25.38 -20.70
CA THR C 520 8.21 -25.43 -19.88
C THR C 520 8.72 -24.03 -19.55
N GLN C 521 8.66 -23.12 -20.52
CA GLN C 521 9.13 -21.76 -20.29
C GLN C 521 8.36 -21.10 -19.15
N GLU C 522 7.04 -21.16 -19.20
CA GLU C 522 6.24 -20.51 -18.18
C GLU C 522 6.31 -21.20 -16.84
N ILE C 523 6.45 -22.53 -16.81
CA ILE C 523 6.65 -23.21 -15.54
C ILE C 523 7.95 -22.76 -14.90
N PHE C 524 9.04 -22.70 -15.68
CA PHE C 524 10.32 -22.26 -15.15
C PHE C 524 10.26 -20.81 -14.69
N SER C 525 9.62 -19.94 -15.49
CA SER C 525 9.56 -18.53 -15.16
C SER C 525 8.76 -18.28 -13.88
N PHE C 526 7.60 -18.92 -13.77
CA PHE C 526 6.77 -18.76 -12.58
C PHE C 526 7.47 -19.31 -11.35
N LEU C 527 8.13 -20.47 -11.48
CA LEU C 527 8.86 -21.03 -10.35
C LEU C 527 9.99 -20.11 -9.91
N ILE C 528 10.75 -19.55 -10.85
CA ILE C 528 11.87 -18.71 -10.48
C ILE C 528 11.39 -17.42 -9.84
N SER C 529 10.29 -16.84 -10.35
CA SER C 529 9.73 -15.64 -9.74
C SER C 529 9.22 -15.92 -8.33
N LEU C 530 8.55 -17.06 -8.13
CA LEU C 530 8.08 -17.43 -6.81
C LEU C 530 9.24 -17.61 -5.83
N ILE C 531 10.31 -18.27 -6.29
CA ILE C 531 11.49 -18.47 -5.43
C ILE C 531 12.10 -17.12 -5.07
N PHE C 532 12.16 -16.21 -6.04
CA PHE C 532 12.70 -14.88 -5.78
C PHE C 532 11.90 -14.15 -4.70
N ILE C 533 10.57 -14.19 -4.82
CA ILE C 533 9.71 -13.51 -3.83
C ILE C 533 9.86 -14.18 -2.46
N TYR C 534 9.93 -15.51 -2.44
CA TYR C 534 10.08 -16.23 -1.17
C TYR C 534 11.38 -15.88 -0.48
N GLU C 535 12.49 -15.82 -1.23
CA GLU C 535 13.77 -15.47 -0.62
C GLU C 535 13.77 -14.02 -0.15
N THR C 536 13.13 -13.13 -0.91
CA THR C 536 13.04 -11.73 -0.50
C THR C 536 12.30 -11.60 0.83
N PHE C 537 11.22 -12.35 1.01
CA PHE C 537 10.50 -12.30 2.28
C PHE C 537 11.27 -13.01 3.40
N SER C 538 11.98 -14.09 3.08
CA SER C 538 12.75 -14.79 4.10
C SER C 538 13.88 -13.95 4.64
N LYS C 539 14.43 -13.05 3.81
CA LYS C 539 15.46 -12.13 4.32
C LYS C 539 14.88 -11.21 5.39
N LEU C 540 13.68 -10.69 5.17
CA LEU C 540 13.03 -9.85 6.18
C LEU C 540 12.67 -10.66 7.42
N ILE C 541 12.25 -11.91 7.23
CA ILE C 541 11.97 -12.78 8.37
C ILE C 541 13.22 -13.00 9.20
N LYS C 542 14.36 -13.22 8.55
CA LYS C 542 15.63 -13.38 9.24
C LYS C 542 16.01 -12.10 9.98
N ILE C 543 15.75 -10.94 9.38
CA ILE C 543 16.01 -9.67 10.06
C ILE C 543 15.18 -9.58 11.33
N PHE C 544 13.91 -9.96 11.26
CA PHE C 544 13.06 -9.94 12.45
C PHE C 544 13.54 -10.94 13.50
N GLN C 545 14.06 -12.08 13.06
CA GLN C 545 14.57 -13.07 14.01
C GLN C 545 15.83 -12.58 14.72
N ASP C 546 16.72 -11.89 13.99
CA ASP C 546 17.96 -11.44 14.60
C ASP C 546 17.75 -10.30 15.60
N HIS C 547 16.76 -9.44 15.37
CA HIS C 547 16.44 -8.33 16.26
C HIS C 547 14.95 -8.37 16.58
N PRO C 548 14.54 -9.30 17.43
CA PRO C 548 13.10 -9.46 17.70
C PRO C 548 12.54 -8.32 18.54
N LEU C 549 11.22 -8.23 18.55
CA LEU C 549 10.54 -7.31 19.42
C LEU C 549 10.60 -7.84 20.85
N GLN C 550 11.26 -7.10 21.73
CA GLN C 550 11.45 -7.51 23.11
C GLN C 550 11.06 -6.36 24.02
N LYS C 551 10.78 -6.69 25.28
CA LYS C 551 10.48 -5.66 26.27
C LYS C 551 11.74 -4.87 26.62
N THR C 552 12.87 -5.55 26.74
CA THR C 552 14.12 -4.93 27.17
C THR C 552 15.24 -5.34 26.23
N TYR C 553 16.23 -4.47 26.09
CA TYR C 553 17.40 -4.72 25.26
C TYR C 553 18.66 -4.36 26.03
N ASN C 554 19.76 -5.00 25.68
CA ASN C 554 21.07 -4.67 26.22
C ASN C 554 21.60 -3.47 25.44
N TYR C 555 21.60 -2.30 26.06
CA TYR C 555 21.95 -1.08 25.34
C TYR C 555 23.44 -0.99 25.02
N ASN C 556 24.26 -1.87 25.58
CA ASN C 556 25.69 -1.93 25.28
C ASN C 556 25.96 -3.19 24.48
N VAL C 557 25.80 -3.10 23.16
CA VAL C 557 25.97 -4.23 22.25
C VAL C 557 27.07 -3.88 21.26
N LEU C 558 28.05 -4.77 21.12
CA LEU C 558 29.09 -4.58 20.12
C LEU C 558 28.49 -4.55 18.72
N MET C 559 28.87 -3.55 17.94
CA MET C 559 28.33 -3.37 16.60
C MET C 559 29.21 -3.95 15.51
N VAL C 560 30.50 -4.19 15.80
CA VAL C 560 31.44 -4.67 14.80
C VAL C 560 31.64 -6.17 14.96
N PRO C 561 31.67 -6.95 13.88
CA PRO C 561 31.45 -6.55 12.47
C PRO C 561 29.97 -6.33 12.19
N LYS C 562 29.13 -7.09 12.88
CA LYS C 562 27.68 -6.97 12.89
C LYS C 562 27.25 -6.97 14.34
N PRO C 563 26.08 -6.41 14.65
CA PRO C 563 25.63 -6.36 16.05
C PRO C 563 25.52 -7.75 16.66
N GLN C 564 26.02 -7.89 17.88
CA GLN C 564 26.14 -9.18 18.54
C GLN C 564 24.89 -9.58 19.31
N GLY C 565 23.88 -8.72 19.33
CA GLY C 565 22.63 -9.02 20.01
C GLY C 565 21.48 -8.27 19.40
N PRO C 566 20.26 -8.54 19.87
CA PRO C 566 19.10 -7.82 19.35
C PRO C 566 19.19 -6.33 19.65
N LEU C 567 18.68 -5.53 18.73
CA LEU C 567 18.64 -4.09 18.84
C LEU C 567 17.22 -3.58 18.69
N PRO C 568 16.84 -2.51 19.39
CA PRO C 568 15.50 -1.97 19.25
C PRO C 568 15.27 -1.34 17.89
N ASN C 569 14.01 -1.38 17.46
CA ASN C 569 13.50 -0.63 16.32
C ASN C 569 14.05 -1.10 14.97
N THR C 570 15.03 -2.00 14.97
CA THR C 570 15.70 -2.34 13.73
C THR C 570 14.79 -3.12 12.78
N ALA C 571 14.13 -4.15 13.30
CA ALA C 571 13.30 -5.01 12.44
C ALA C 571 12.07 -4.26 11.94
N LEU C 572 11.43 -3.50 12.83
CA LEU C 572 10.25 -2.74 12.43
C LEU C 572 10.59 -1.65 11.43
N LEU C 573 11.73 -0.97 11.62
CA LEU C 573 12.14 0.04 10.65
C LEU C 573 12.52 -0.60 9.32
N SER C 574 13.11 -1.80 9.35
CA SER C 574 13.40 -2.52 8.11
C SER C 574 12.10 -2.85 7.38
N LEU C 575 11.09 -3.31 8.11
CA LEU C 575 9.80 -3.59 7.50
C LEU C 575 9.18 -2.32 6.91
N VAL C 576 9.27 -1.21 7.63
CA VAL C 576 8.72 0.06 7.14
C VAL C 576 9.43 0.49 5.88
N LEU C 577 10.76 0.39 5.85
CA LEU C 577 11.53 0.78 4.67
C LEU C 577 11.19 -0.09 3.46
N MET C 578 11.10 -1.41 3.67
CA MET C 578 10.78 -2.31 2.56
C MET C 578 9.39 -2.04 2.02
N ALA C 579 8.40 -1.93 2.91
CA ALA C 579 7.03 -1.67 2.48
C ALA C 579 6.91 -0.31 1.80
N GLY C 580 7.59 0.71 2.32
CA GLY C 580 7.55 2.01 1.70
C GLY C 580 8.18 2.05 0.33
N THR C 581 9.31 1.35 0.16
CA THR C 581 9.94 1.29 -1.15
C THR C 581 9.05 0.58 -2.16
N PHE C 582 8.46 -0.54 -1.76
CA PHE C 582 7.55 -1.25 -2.66
C PHE C 582 6.34 -0.38 -3.00
N PHE C 583 5.79 0.31 -2.00
CA PHE C 583 4.64 1.17 -2.23
C PHE C 583 4.96 2.30 -3.19
N PHE C 584 6.08 2.97 -3.00
CA PHE C 584 6.45 4.08 -3.88
C PHE C 584 6.72 3.59 -5.29
N ALA C 585 7.38 2.44 -5.42
CA ALA C 585 7.64 1.90 -6.76
C ALA C 585 6.34 1.58 -7.49
N MET C 586 5.40 0.92 -6.80
CA MET C 586 4.13 0.58 -7.44
C MET C 586 3.31 1.83 -7.74
N MET C 587 3.35 2.83 -6.85
CA MET C 587 2.61 4.06 -7.07
C MET C 587 3.15 4.81 -8.29
N LEU C 588 4.46 4.88 -8.44
CA LEU C 588 5.02 5.57 -9.60
C LEU C 588 4.80 4.77 -10.88
N ARG C 589 4.78 3.43 -10.77
CA ARG C 589 4.42 2.62 -11.93
C ARG C 589 3.00 2.87 -12.38
N LYS C 590 2.07 3.01 -11.42
CA LYS C 590 0.71 3.41 -11.75
C LYS C 590 0.67 4.81 -12.34
N PHE C 591 1.46 5.72 -11.77
CA PHE C 591 1.47 7.11 -12.21
C PHE C 591 1.96 7.23 -13.65
N LYS C 592 2.82 6.31 -14.07
CA LYS C 592 3.28 6.31 -15.47
C LYS C 592 2.11 6.14 -16.43
N ASN C 593 1.19 5.24 -16.11
CA ASN C 593 0.06 4.99 -17.00
C ASN C 593 -1.12 5.90 -16.68
N SER C 594 -0.98 6.75 -15.67
CA SER C 594 -2.05 7.62 -15.23
C SER C 594 -2.36 8.69 -16.27
N SER C 595 -3.40 9.47 -16.01
CA SER C 595 -3.77 10.61 -16.82
C SER C 595 -3.36 11.94 -16.21
N TYR C 596 -2.46 11.93 -15.23
CA TYR C 596 -2.03 13.15 -14.55
C TYR C 596 -0.77 13.71 -15.22
N PHE C 597 -0.59 15.03 -15.08
CA PHE C 597 0.59 15.78 -15.49
C PHE C 597 0.74 15.79 -17.01
N PRO C 598 1.61 16.64 -17.57
CA PRO C 598 1.95 16.50 -18.99
C PRO C 598 2.57 15.14 -19.27
N GLY C 599 2.26 14.61 -20.45
CA GLY C 599 2.64 13.24 -20.78
C GLY C 599 4.14 13.02 -20.77
N LYS C 600 4.91 13.99 -21.26
CA LYS C 600 6.36 13.85 -21.26
C LYS C 600 6.91 13.80 -19.85
N LEU C 601 6.53 14.77 -19.00
CA LEU C 601 6.99 14.78 -17.62
C LEU C 601 6.49 13.57 -16.85
N ARG C 602 5.23 13.18 -17.09
CA ARG C 602 4.68 12.01 -16.42
C ARG C 602 5.46 10.74 -16.77
N ARG C 603 5.76 10.54 -18.06
CA ARG C 603 6.49 9.35 -18.46
C ARG C 603 7.95 9.40 -17.99
N VAL C 604 8.54 10.59 -17.92
CA VAL C 604 9.89 10.72 -17.40
C VAL C 604 9.94 10.33 -15.93
N ILE C 605 8.99 10.82 -15.13
CA ILE C 605 8.95 10.45 -13.71
C ILE C 605 8.61 8.97 -13.55
N GLY C 606 7.75 8.45 -14.42
CA GLY C 606 7.39 7.04 -14.34
C GLY C 606 8.54 6.12 -14.66
N ASP C 607 9.38 6.51 -15.64
CA ASP C 607 10.57 5.71 -15.95
C ASP C 607 11.53 5.70 -14.78
N PHE C 608 11.67 6.83 -14.09
CA PHE C 608 12.54 6.95 -12.93
C PHE C 608 11.84 6.55 -11.64
N GLY C 609 10.82 5.68 -11.72
CA GLY C 609 10.06 5.33 -10.53
C GLY C 609 10.89 4.60 -9.50
N VAL C 610 11.64 3.59 -9.93
CA VAL C 610 12.49 2.85 -9.00
C VAL C 610 13.65 3.70 -8.46
N PRO C 611 14.40 4.46 -9.28
CA PRO C 611 15.42 5.34 -8.68
C PRO C 611 14.84 6.36 -7.71
N ILE C 612 13.67 6.92 -8.01
CA ILE C 612 13.06 7.90 -7.10
C ILE C 612 12.63 7.23 -5.81
N SER C 613 12.06 6.03 -5.89
CA SER C 613 11.68 5.30 -4.69
C SER C 613 12.89 4.99 -3.82
N ILE C 614 13.97 4.52 -4.44
CA ILE C 614 15.20 4.21 -3.71
C ILE C 614 15.76 5.46 -3.06
N LEU C 615 15.78 6.57 -3.80
CA LEU C 615 16.29 7.81 -3.23
C LEU C 615 15.46 8.28 -2.04
N ILE C 616 14.13 8.21 -2.17
CA ILE C 616 13.25 8.66 -1.09
C ILE C 616 13.46 7.84 0.17
N MET C 617 13.49 6.51 0.02
CA MET C 617 13.62 5.68 1.22
C MET C 617 15.02 5.73 1.80
N VAL C 618 16.05 5.86 0.95
CA VAL C 618 17.41 6.02 1.46
C VAL C 618 17.55 7.32 2.23
N LEU C 619 16.92 8.40 1.73
CA LEU C 619 16.91 9.65 2.49
C LEU C 619 16.17 9.50 3.81
N VAL C 620 15.04 8.80 3.81
CA VAL C 620 14.28 8.58 5.04
C VAL C 620 15.15 7.86 6.08
N ASP C 621 15.87 6.82 5.64
CA ASP C 621 16.75 6.11 6.57
C ASP C 621 17.94 6.97 6.99
N PHE C 622 18.42 7.81 6.08
CA PHE C 622 19.57 8.67 6.38
C PHE C 622 19.23 9.68 7.46
N PHE C 623 18.01 10.20 7.44
CA PHE C 623 17.62 11.19 8.45
C PHE C 623 17.18 10.56 9.77
N ILE C 624 17.17 9.23 9.86
CA ILE C 624 16.96 8.53 11.13
C ILE C 624 18.32 7.99 11.58
N GLN C 625 18.94 8.68 12.54
CA GLN C 625 20.33 8.37 12.86
C GLN C 625 20.45 7.28 13.92
N ASP C 626 19.64 7.34 14.96
CA ASP C 626 19.82 6.46 16.12
C ASP C 626 19.63 4.99 15.77
N THR C 627 18.58 4.68 15.01
CA THR C 627 18.25 3.29 14.73
C THR C 627 19.22 2.68 13.73
N TYR C 628 19.67 1.47 14.03
CA TYR C 628 20.56 0.74 13.14
C TYR C 628 19.77 0.00 12.07
N THR C 629 20.25 0.07 10.84
CA THR C 629 19.78 -0.77 9.76
C THR C 629 20.98 -1.29 9.00
N GLN C 630 20.88 -2.53 8.50
CA GLN C 630 21.96 -3.12 7.74
C GLN C 630 22.09 -2.44 6.39
N LYS C 631 23.32 -2.10 6.02
CA LYS C 631 23.62 -1.41 4.77
C LYS C 631 24.40 -2.32 3.84
N LEU C 632 24.56 -1.87 2.60
CA LEU C 632 25.43 -2.56 1.66
C LEU C 632 26.89 -2.44 2.11
N SER C 633 27.64 -3.54 1.98
CA SER C 633 29.04 -3.57 2.35
C SER C 633 29.84 -4.21 1.23
N VAL C 634 30.73 -3.43 0.63
CA VAL C 634 31.60 -3.90 -0.44
C VAL C 634 32.99 -4.09 0.13
N PRO C 635 33.84 -4.92 -0.48
CA PRO C 635 35.21 -5.08 0.03
C PRO C 635 36.00 -3.79 -0.08
N ASP C 636 37.10 -3.73 0.69
CA ASP C 636 37.92 -2.52 0.74
C ASP C 636 38.54 -2.20 -0.61
N GLY C 637 39.07 -3.21 -1.30
CA GLY C 637 39.71 -2.98 -2.57
C GLY C 637 39.72 -4.20 -3.48
N PHE C 638 40.27 -4.03 -4.67
CA PHE C 638 40.33 -5.10 -5.66
C PHE C 638 41.47 -6.04 -5.28
N LYS C 639 41.19 -6.88 -4.29
CA LYS C 639 42.14 -7.87 -3.81
C LYS C 639 41.41 -9.18 -3.56
N VAL C 640 42.16 -10.28 -3.59
CA VAL C 640 41.56 -11.59 -3.40
C VAL C 640 41.02 -11.70 -1.97
N SER C 641 39.90 -12.41 -1.83
CA SER C 641 39.22 -12.48 -0.54
C SER C 641 40.07 -13.18 0.50
N ASN C 642 40.94 -14.10 0.07
CA ASN C 642 41.91 -14.76 0.94
C ASN C 642 43.25 -14.71 0.23
N SER C 643 44.11 -13.78 0.64
CA SER C 643 45.46 -13.72 0.08
C SER C 643 46.34 -14.81 0.64
N SER C 644 45.93 -15.46 1.73
CA SER C 644 46.70 -16.57 2.28
C SER C 644 46.36 -17.88 1.57
N ALA C 645 45.34 -17.88 0.72
CA ALA C 645 44.94 -19.09 0.02
C ALA C 645 45.41 -19.10 -1.43
N ARG C 646 45.07 -18.07 -2.19
CA ARG C 646 45.31 -18.09 -3.63
C ARG C 646 45.58 -16.68 -4.13
N GLY C 647 46.15 -16.62 -5.33
CA GLY C 647 46.37 -15.36 -6.03
C GLY C 647 45.33 -15.11 -7.10
N TRP C 648 45.66 -14.18 -8.00
CA TRP C 648 44.75 -13.85 -9.09
C TRP C 648 44.76 -14.90 -10.19
N VAL C 649 45.86 -15.64 -10.34
CA VAL C 649 45.96 -16.72 -11.33
C VAL C 649 46.24 -18.02 -10.58
N ILE C 650 45.43 -19.04 -10.85
CA ILE C 650 45.55 -20.33 -10.19
C ILE C 650 46.25 -21.29 -11.14
N HIS C 651 47.32 -21.91 -10.67
CA HIS C 651 48.06 -22.86 -11.48
C HIS C 651 47.24 -24.13 -11.67
N PRO C 652 46.98 -24.57 -12.90
CA PRO C 652 46.20 -25.80 -13.09
C PRO C 652 46.84 -27.04 -12.50
N LEU C 653 48.15 -27.03 -12.26
CA LEU C 653 48.81 -28.19 -11.66
C LEU C 653 48.78 -28.17 -10.14
N GLY C 654 48.32 -27.08 -9.52
CA GLY C 654 48.18 -27.00 -8.09
C GLY C 654 48.95 -25.85 -7.47
N LEU C 655 48.45 -25.36 -6.34
CA LEU C 655 49.12 -24.30 -5.59
C LEU C 655 50.01 -24.87 -4.49
N ARG C 656 49.42 -25.57 -3.51
CA ARG C 656 50.17 -26.15 -2.41
C ARG C 656 50.59 -27.59 -2.68
N SER C 657 49.67 -28.41 -3.18
CA SER C 657 49.94 -29.80 -3.50
C SER C 657 49.79 -30.00 -5.00
N GLU C 658 50.33 -31.10 -5.50
CA GLU C 658 50.15 -31.44 -6.91
C GLU C 658 48.72 -31.87 -7.16
N PHE C 659 48.12 -31.31 -8.20
CA PHE C 659 46.76 -31.68 -8.56
C PHE C 659 46.77 -33.04 -9.24
N PRO C 660 45.98 -34.01 -8.75
CA PRO C 660 46.06 -35.36 -9.31
C PRO C 660 45.56 -35.43 -10.74
N ILE C 661 46.11 -36.39 -11.48
CA ILE C 661 45.79 -36.52 -12.91
C ILE C 661 44.37 -37.01 -13.09
N TRP C 662 43.89 -37.90 -12.20
CA TRP C 662 42.56 -38.46 -12.37
C TRP C 662 41.47 -37.39 -12.26
N MET C 663 41.68 -36.38 -11.40
CA MET C 663 40.70 -35.32 -11.27
C MET C 663 40.70 -34.39 -12.48
N MET C 664 41.79 -34.37 -13.25
CA MET C 664 41.79 -33.61 -14.50
C MET C 664 40.79 -34.15 -15.50
N PHE C 665 40.62 -35.48 -15.55
CA PHE C 665 39.64 -36.06 -16.45
C PHE C 665 38.27 -36.18 -15.78
N ALA C 666 38.25 -36.44 -14.47
CA ALA C 666 36.99 -36.57 -13.74
C ALA C 666 36.24 -35.25 -13.62
N SER C 667 36.88 -34.13 -13.97
CA SER C 667 36.23 -32.83 -13.93
C SER C 667 35.18 -32.67 -15.02
N ALA C 668 35.11 -33.60 -15.98
CA ALA C 668 34.12 -33.50 -17.05
C ALA C 668 32.70 -33.62 -16.51
N LEU C 669 32.48 -34.51 -15.53
CA LEU C 669 31.13 -34.68 -14.99
C LEU C 669 30.61 -33.43 -14.30
N PRO C 670 31.35 -32.80 -13.37
CA PRO C 670 30.87 -31.49 -12.88
C PRO C 670 30.77 -30.46 -13.97
N ALA C 671 31.65 -30.53 -14.97
CA ALA C 671 31.54 -29.63 -16.12
C ALA C 671 30.26 -29.89 -16.89
N LEU C 672 29.88 -31.16 -17.05
CA LEU C 672 28.60 -31.48 -17.70
C LEU C 672 27.44 -30.91 -16.91
N LEU C 673 27.48 -31.04 -15.58
CA LEU C 673 26.40 -30.51 -14.75
C LEU C 673 26.31 -28.99 -14.85
N VAL C 674 27.45 -28.31 -14.78
CA VAL C 674 27.46 -26.85 -14.84
C VAL C 674 27.03 -26.37 -16.22
N PHE C 675 27.46 -27.07 -17.26
CA PHE C 675 27.02 -26.74 -18.62
C PHE C 675 25.52 -26.89 -18.74
N ILE C 676 24.95 -27.96 -18.19
CA ILE C 676 23.50 -28.14 -18.25
C ILE C 676 22.78 -27.03 -17.50
N LEU C 677 23.28 -26.68 -16.31
CA LEU C 677 22.67 -25.61 -15.52
C LEU C 677 22.67 -24.30 -16.28
N ILE C 678 23.85 -23.89 -16.77
CA ILE C 678 23.99 -22.61 -17.46
C ILE C 678 23.18 -22.63 -18.75
N PHE C 679 23.24 -23.74 -19.50
CA PHE C 679 22.52 -23.85 -20.76
C PHE C 679 21.02 -23.70 -20.54
N LEU C 680 20.46 -24.47 -19.62
CA LEU C 680 19.01 -24.39 -19.41
C LEU C 680 18.60 -23.00 -18.94
N GLU C 681 19.30 -22.46 -17.94
CA GLU C 681 18.94 -21.15 -17.41
C GLU C 681 19.00 -20.08 -18.51
N SER C 682 20.13 -20.02 -19.22
CA SER C 682 20.33 -18.95 -20.20
C SER C 682 19.42 -19.11 -21.41
N GLN C 683 19.26 -20.34 -21.92
CA GLN C 683 18.43 -20.52 -23.10
C GLN C 683 16.96 -20.29 -22.81
N ILE C 684 16.47 -20.72 -21.64
CA ILE C 684 15.08 -20.45 -21.30
C ILE C 684 14.89 -18.96 -21.04
N THR C 685 15.87 -18.29 -20.43
CA THR C 685 15.77 -16.84 -20.26
C THR C 685 15.71 -16.13 -21.61
N THR C 686 16.51 -16.58 -22.58
CA THR C 686 16.47 -16.00 -23.91
C THR C 686 15.13 -16.27 -24.59
N LEU C 687 14.55 -17.44 -24.35
CA LEU C 687 13.21 -17.72 -24.86
C LEU C 687 12.19 -16.76 -24.25
N ILE C 688 12.28 -16.51 -22.96
CA ILE C 688 11.27 -15.68 -22.28
C ILE C 688 11.39 -14.23 -22.71
N VAL C 689 12.62 -13.71 -22.79
CA VAL C 689 12.78 -12.30 -23.10
C VAL C 689 12.57 -12.00 -24.59
N SER C 690 12.66 -13.00 -25.46
CA SER C 690 12.53 -12.81 -26.90
C SER C 690 11.23 -13.38 -27.44
N LYS C 691 10.16 -13.33 -26.66
CA LYS C 691 8.86 -13.73 -27.17
C LYS C 691 8.41 -12.76 -28.25
N PRO C 692 7.64 -13.22 -29.25
CA PRO C 692 7.11 -12.28 -30.25
C PRO C 692 6.17 -11.24 -29.65
N GLU C 693 5.52 -11.55 -28.54
CA GLU C 693 4.55 -10.63 -27.96
C GLU C 693 5.20 -9.53 -27.12
N ARG C 694 6.52 -9.58 -26.92
CA ARG C 694 7.22 -8.52 -26.22
C ARG C 694 7.78 -7.47 -27.17
N LYS C 695 7.54 -7.59 -28.47
CA LYS C 695 7.96 -6.62 -29.49
C LYS C 695 9.48 -6.44 -29.53
N MET C 696 10.18 -7.55 -29.67
CA MET C 696 11.62 -7.54 -29.89
C MET C 696 11.88 -7.73 -31.38
N VAL C 697 12.24 -6.66 -32.07
CA VAL C 697 12.28 -6.66 -33.52
C VAL C 697 13.72 -6.60 -34.03
N LYS C 698 14.67 -6.99 -33.18
CA LYS C 698 16.08 -6.92 -33.54
C LYS C 698 16.78 -8.28 -33.56
N GLY C 699 16.17 -9.33 -33.05
CA GLY C 699 16.73 -10.66 -33.13
C GLY C 699 17.58 -11.01 -31.93
N SER C 700 17.67 -12.32 -31.67
CA SER C 700 18.47 -12.85 -30.58
C SER C 700 19.28 -14.04 -31.09
N GLY C 701 20.46 -14.21 -30.51
CA GLY C 701 21.32 -15.31 -30.90
C GLY C 701 21.49 -16.35 -29.81
N PHE C 702 20.92 -17.53 -30.02
CA PHE C 702 21.03 -18.58 -29.01
C PHE C 702 22.42 -19.21 -29.01
N HIS C 703 23.03 -19.36 -30.18
CA HIS C 703 24.34 -20.00 -30.26
C HIS C 703 25.44 -19.07 -29.77
N LEU C 704 25.39 -17.80 -30.17
CA LEU C 704 26.46 -16.87 -29.82
C LEU C 704 26.47 -16.54 -28.34
N ASP C 705 25.27 -16.32 -27.76
CA ASP C 705 25.19 -16.01 -26.35
C ASP C 705 25.65 -17.17 -25.48
N LEU C 706 25.28 -18.40 -25.86
CA LEU C 706 25.73 -19.57 -25.12
C LEU C 706 27.24 -19.69 -25.15
N LEU C 707 27.83 -19.53 -26.34
CA LEU C 707 29.28 -19.56 -26.48
C LEU C 707 29.94 -18.52 -25.59
N LEU C 708 29.47 -17.27 -25.66
CA LEU C 708 30.07 -16.20 -24.89
C LEU C 708 29.97 -16.47 -23.39
N VAL C 709 28.78 -16.85 -22.92
CA VAL C 709 28.58 -17.02 -21.48
C VAL C 709 29.44 -18.17 -20.95
N VAL C 710 29.36 -19.34 -21.59
CA VAL C 710 30.07 -20.50 -21.05
C VAL C 710 31.57 -20.35 -21.22
N GLY C 711 32.02 -19.81 -22.36
CA GLY C 711 33.45 -19.62 -22.55
C GLY C 711 34.03 -18.60 -21.61
N MET C 712 33.30 -17.50 -21.37
CA MET C 712 33.77 -16.52 -20.40
C MET C 712 33.82 -17.12 -19.00
N GLY C 713 32.84 -17.96 -18.65
CA GLY C 713 32.91 -18.63 -17.36
C GLY C 713 34.11 -19.57 -17.24
N GLY C 714 34.38 -20.33 -18.30
CA GLY C 714 35.53 -21.21 -18.28
C GLY C 714 36.85 -20.46 -18.18
N VAL C 715 36.97 -19.35 -18.89
CA VAL C 715 38.17 -18.52 -18.79
C VAL C 715 38.28 -17.90 -17.40
N ALA C 716 37.16 -17.44 -16.85
CA ALA C 716 37.18 -16.80 -15.53
C ALA C 716 37.53 -17.79 -14.44
N ALA C 717 37.24 -19.08 -14.65
CA ALA C 717 37.65 -20.09 -13.68
C ALA C 717 39.17 -20.11 -13.52
N LEU C 718 39.90 -19.82 -14.59
CA LEU C 718 41.36 -19.75 -14.52
C LEU C 718 41.85 -18.64 -13.59
N PHE C 719 41.03 -17.61 -13.35
CA PHE C 719 41.40 -16.52 -12.45
C PHE C 719 40.78 -16.67 -11.08
N GLY C 720 40.23 -17.83 -10.77
CA GLY C 720 39.57 -18.04 -9.48
C GLY C 720 38.30 -17.26 -9.34
N MET C 721 37.65 -16.95 -10.44
CA MET C 721 36.44 -16.15 -10.48
C MET C 721 35.25 -16.99 -10.93
N PRO C 722 34.04 -16.68 -10.45
CA PRO C 722 32.89 -17.55 -10.72
C PRO C 722 32.48 -17.54 -12.19
N TRP C 723 31.93 -18.67 -12.63
CA TRP C 723 31.19 -18.71 -13.88
C TRP C 723 29.77 -18.20 -13.65
N LEU C 724 29.23 -17.52 -14.65
CA LEU C 724 27.96 -16.83 -14.51
C LEU C 724 26.92 -17.45 -15.43
N SER C 725 25.70 -16.94 -15.31
CA SER C 725 24.59 -17.41 -16.12
C SER C 725 23.67 -16.22 -16.43
N ALA C 726 22.90 -16.37 -17.50
CA ALA C 726 21.86 -15.38 -17.78
C ALA C 726 20.71 -15.58 -16.80
N THR C 727 20.68 -14.76 -15.76
CA THR C 727 19.68 -14.87 -14.71
C THR C 727 18.34 -14.40 -15.22
N THR C 728 17.26 -15.06 -14.76
CA THR C 728 15.95 -14.85 -15.37
C THR C 728 15.27 -13.59 -14.82
N VAL C 729 15.26 -13.42 -13.50
CA VAL C 729 14.58 -12.26 -12.93
C VAL C 729 15.27 -10.98 -13.34
N ARG C 730 16.60 -10.95 -13.29
CA ARG C 730 17.34 -9.75 -13.67
C ARG C 730 17.14 -9.41 -15.16
N SER C 731 17.19 -10.42 -16.03
CA SER C 731 17.01 -10.15 -17.45
C SER C 731 15.59 -9.71 -17.77
N VAL C 732 14.59 -10.34 -17.14
CA VAL C 732 13.20 -9.95 -17.36
C VAL C 732 12.97 -8.54 -16.84
N THR C 733 13.54 -8.20 -15.69
CA THR C 733 13.41 -6.85 -15.16
C THR C 733 14.08 -5.83 -16.06
N HIS C 734 15.22 -6.19 -16.64
CA HIS C 734 15.90 -5.30 -17.58
C HIS C 734 15.06 -5.09 -18.84
N ALA C 735 14.45 -6.16 -19.36
CA ALA C 735 13.62 -6.04 -20.54
C ALA C 735 12.37 -5.21 -20.27
N ASN C 736 11.76 -5.39 -19.09
CA ASN C 736 10.56 -4.62 -18.75
C ASN C 736 10.88 -3.14 -18.57
N ALA C 737 12.04 -2.83 -17.98
CA ALA C 737 12.43 -1.45 -17.78
C ALA C 737 12.69 -0.74 -19.09
N LEU C 738 13.09 -1.46 -20.13
CA LEU C 738 13.32 -0.90 -21.45
C LEU C 738 12.10 -1.01 -22.35
N THR C 739 11.02 -1.61 -21.87
CA THR C 739 9.83 -1.82 -22.69
C THR C 739 8.99 -0.56 -22.70
N VAL C 740 8.58 -0.14 -23.90
CA VAL C 740 7.76 1.06 -24.09
C VAL C 740 6.32 0.63 -24.27
N MET C 741 5.41 1.24 -23.52
CA MET C 741 3.99 0.93 -23.57
C MET C 741 3.26 2.01 -24.35
N GLY C 742 2.50 1.61 -25.37
CA GLY C 742 1.75 2.54 -26.18
C GLY C 742 0.42 2.91 -25.55
N LYS C 743 -0.40 3.59 -26.37
CA LYS C 743 -1.72 4.03 -25.93
C LYS C 743 -2.73 2.87 -25.96
N ALA C 751 -1.30 -1.67 -21.15
CA ALA C 751 -2.11 -1.78 -22.36
C ALA C 751 -1.47 -2.72 -23.37
N GLN C 752 -0.89 -2.15 -24.42
CA GLN C 752 -0.21 -2.91 -25.46
C GLN C 752 1.26 -2.50 -25.49
N ILE C 753 2.14 -3.48 -25.71
CA ILE C 753 3.56 -3.19 -25.84
C ILE C 753 3.84 -2.65 -27.23
N GLN C 754 4.50 -1.49 -27.29
CA GLN C 754 4.79 -0.82 -28.55
C GLN C 754 6.17 -1.14 -29.09
N GLU C 755 7.20 -0.97 -28.27
CA GLU C 755 8.57 -1.28 -28.69
C GLU C 755 9.40 -1.54 -27.44
N VAL C 756 10.65 -1.95 -27.67
CA VAL C 756 11.63 -2.18 -26.60
C VAL C 756 12.92 -1.47 -26.99
N LYS C 757 13.50 -0.74 -26.05
CA LYS C 757 14.78 -0.06 -26.28
C LYS C 757 15.89 -1.11 -26.29
N GLU C 758 16.02 -1.78 -27.42
CA GLU C 758 17.07 -2.79 -27.60
C GLU C 758 18.39 -2.09 -27.90
N GLN C 759 19.29 -2.09 -26.92
CA GLN C 759 20.56 -1.40 -27.04
C GLN C 759 21.55 -2.06 -26.09
N ARG C 760 22.83 -1.81 -26.34
CA ARG C 760 23.91 -2.42 -25.58
C ARG C 760 24.45 -1.53 -24.47
N ILE C 761 24.03 -0.26 -24.41
CA ILE C 761 24.65 0.67 -23.48
C ILE C 761 24.19 0.42 -22.05
N SER C 762 22.92 0.02 -21.87
CA SER C 762 22.41 -0.16 -20.51
C SER C 762 23.12 -1.30 -19.79
N GLY C 763 23.25 -2.45 -20.45
CA GLY C 763 23.94 -3.58 -19.83
C GLY C 763 25.41 -3.30 -19.60
N LEU C 764 26.05 -2.62 -20.55
CA LEU C 764 27.45 -2.23 -20.40
C LEU C 764 27.63 -1.30 -19.20
N LEU C 765 26.74 -0.33 -19.05
CA LEU C 765 26.82 0.60 -17.93
C LEU C 765 26.56 -0.11 -16.61
N VAL C 766 25.62 -1.05 -16.58
CA VAL C 766 25.37 -1.82 -15.37
C VAL C 766 26.62 -2.60 -14.96
N ALA C 767 27.27 -3.25 -15.94
CA ALA C 767 28.48 -4.00 -15.64
C ALA C 767 29.61 -3.08 -15.17
N VAL C 768 29.75 -1.90 -15.80
CA VAL C 768 30.79 -0.96 -15.40
C VAL C 768 30.54 -0.46 -13.98
N LEU C 769 29.29 -0.17 -13.64
CA LEU C 769 28.97 0.28 -12.29
C LEU C 769 29.22 -0.81 -11.26
N VAL C 770 28.93 -2.06 -11.62
CA VAL C 770 29.24 -3.18 -10.73
C VAL C 770 30.75 -3.26 -10.50
N GLY C 771 31.53 -3.09 -11.55
CA GLY C 771 32.99 -3.10 -11.39
C GLY C 771 33.49 -1.95 -10.55
N LEU C 772 32.83 -0.80 -10.65
CA LEU C 772 33.21 0.37 -9.87
C LEU C 772 32.57 0.41 -8.49
N SER C 773 31.80 -0.62 -8.12
CA SER C 773 31.11 -0.62 -6.83
C SER C 773 32.07 -0.55 -5.65
N ILE C 774 33.26 -1.11 -5.79
CA ILE C 774 34.24 -1.04 -4.70
C ILE C 774 34.67 0.39 -4.45
N LEU C 775 34.87 1.16 -5.51
CA LEU C 775 35.35 2.53 -5.39
C LEU C 775 34.29 3.50 -4.90
N MET C 776 33.00 3.18 -5.05
CA MET C 776 31.92 4.05 -4.61
C MET C 776 31.31 3.55 -3.30
N GLU C 777 32.15 3.03 -2.41
CA GLU C 777 31.71 2.62 -1.08
C GLU C 777 31.06 3.72 -0.26
N PRO C 778 31.53 4.98 -0.25
CA PRO C 778 30.85 5.99 0.58
C PRO C 778 29.40 6.22 0.20
N ILE C 779 28.99 5.84 -1.01
CA ILE C 779 27.61 5.95 -1.43
C ILE C 779 26.85 4.65 -1.14
N LEU C 780 27.47 3.51 -1.39
CA LEU C 780 26.80 2.23 -1.17
C LEU C 780 26.64 1.92 0.31
N SER C 781 27.50 2.49 1.16
CA SER C 781 27.41 2.22 2.60
C SER C 781 26.24 2.93 3.26
N ARG C 782 25.52 3.77 2.55
CA ARG C 782 24.38 4.50 3.11
C ARG C 782 23.04 3.98 2.60
N ILE C 783 23.04 2.86 1.87
CA ILE C 783 21.83 2.33 1.25
C ILE C 783 21.41 1.09 2.04
N PRO C 784 20.27 1.12 2.73
CA PRO C 784 19.85 -0.04 3.52
C PRO C 784 19.44 -1.22 2.64
N LEU C 785 19.53 -2.42 3.22
CA LEU C 785 19.11 -3.61 2.49
C LEU C 785 17.59 -3.71 2.38
N ALA C 786 16.87 -3.09 3.31
CA ALA C 786 15.41 -3.16 3.30
C ALA C 786 14.82 -2.46 2.07
N VAL C 787 15.40 -1.32 1.69
CA VAL C 787 14.99 -0.63 0.47
C VAL C 787 15.18 -1.55 -0.73
N LEU C 788 16.32 -2.23 -0.79
CA LEU C 788 16.55 -3.18 -1.86
C LEU C 788 15.59 -4.36 -1.77
N PHE C 789 15.15 -4.74 -0.57
CA PHE C 789 14.16 -5.79 -0.44
C PHE C 789 12.83 -5.38 -1.06
N GLY C 790 12.42 -4.13 -0.84
CA GLY C 790 11.22 -3.63 -1.51
C GLY C 790 11.37 -3.62 -3.01
N ILE C 791 12.56 -3.27 -3.50
CA ILE C 791 12.83 -3.30 -4.93
C ILE C 791 12.74 -4.74 -5.45
N PHE C 792 13.26 -5.71 -4.69
CA PHE C 792 13.19 -7.11 -5.10
C PHE C 792 11.74 -7.59 -5.15
N LEU C 793 10.93 -7.16 -4.19
CA LEU C 793 9.51 -7.51 -4.21
C LEU C 793 8.83 -6.94 -5.45
N TYR C 794 9.17 -5.70 -5.80
CA TYR C 794 8.65 -5.09 -7.02
C TYR C 794 9.07 -5.89 -8.25
N MET C 795 10.34 -6.29 -8.30
CA MET C 795 10.83 -7.09 -9.43
C MET C 795 10.09 -8.41 -9.53
N GLY C 796 9.86 -9.07 -8.39
CA GLY C 796 9.17 -10.35 -8.40
C GLY C 796 7.73 -10.23 -8.84
N VAL C 797 7.00 -9.23 -8.34
CA VAL C 797 5.60 -9.11 -8.72
C VAL C 797 5.47 -8.67 -10.18
N THR C 798 6.37 -7.81 -10.66
CA THR C 798 6.27 -7.35 -12.03
C THR C 798 6.84 -8.33 -13.04
N SER C 799 7.56 -9.36 -12.57
CA SER C 799 8.04 -10.39 -13.49
C SER C 799 6.96 -11.37 -13.90
N LEU C 800 5.77 -11.28 -13.32
CA LEU C 800 4.67 -12.22 -13.59
C LEU C 800 3.71 -11.75 -14.66
N SER C 801 3.98 -10.61 -15.30
CA SER C 801 2.98 -10.00 -16.17
C SER C 801 2.73 -10.81 -17.42
N GLY C 802 3.78 -11.23 -18.10
CA GLY C 802 3.60 -11.89 -19.38
C GLY C 802 3.36 -13.38 -19.34
N ILE C 803 3.24 -13.96 -18.15
CA ILE C 803 3.14 -15.41 -18.01
C ILE C 803 1.67 -15.80 -18.10
N GLN C 804 1.35 -16.69 -19.03
CA GLN C 804 -0.03 -17.15 -19.16
C GLN C 804 -0.41 -18.12 -18.06
N LEU C 805 0.57 -18.78 -17.45
CA LEU C 805 0.28 -19.66 -16.31
C LEU C 805 -0.24 -18.86 -15.13
N PHE C 806 0.37 -17.71 -14.84
CA PHE C 806 -0.11 -16.85 -13.77
C PHE C 806 -1.49 -16.30 -14.09
N ASP C 807 -1.76 -15.99 -15.35
CA ASP C 807 -3.09 -15.53 -15.75
C ASP C 807 -4.14 -16.62 -15.57
N ARG C 808 -3.80 -17.85 -15.95
CA ARG C 808 -4.76 -18.95 -15.83
C ARG C 808 -4.97 -19.37 -14.39
N ILE C 809 -3.97 -19.20 -13.54
CA ILE C 809 -4.15 -19.46 -12.11
C ILE C 809 -5.16 -18.48 -11.53
N LEU C 810 -5.11 -17.22 -11.97
CA LEU C 810 -6.08 -16.23 -11.51
C LEU C 810 -7.49 -16.57 -12.00
N LEU C 811 -7.61 -17.28 -13.12
CA LEU C 811 -8.92 -17.67 -13.61
C LEU C 811 -9.59 -18.72 -12.74
N LEU C 812 -8.82 -19.45 -11.94
CA LEU C 812 -9.41 -20.40 -11.00
C LEU C 812 -10.25 -19.70 -9.94
N PHE C 813 -9.95 -18.43 -9.66
CA PHE C 813 -10.65 -17.67 -8.63
C PHE C 813 -11.66 -16.70 -9.21
N LYS C 814 -12.01 -16.85 -10.49
CA LYS C 814 -12.99 -16.01 -11.15
C LYS C 814 -14.15 -16.85 -11.65
N PRO C 815 -15.37 -16.29 -11.69
CA PRO C 815 -16.46 -16.96 -12.39
C PRO C 815 -16.17 -17.05 -13.87
N PRO C 816 -16.69 -18.06 -14.56
CA PRO C 816 -16.36 -18.23 -15.98
C PRO C 816 -16.82 -17.07 -16.87
N LYS C 817 -17.80 -16.29 -16.43
CA LYS C 817 -18.26 -15.18 -17.27
C LYS C 817 -17.30 -14.00 -17.28
N TYR C 818 -16.40 -13.93 -16.31
CA TYR C 818 -15.39 -12.87 -16.27
C TYR C 818 -14.08 -13.27 -16.95
N HIS C 819 -14.00 -14.46 -17.52
CA HIS C 819 -12.79 -14.90 -18.17
C HIS C 819 -12.57 -14.08 -19.45
N PRO C 820 -11.33 -13.72 -19.76
CA PRO C 820 -11.08 -12.81 -20.88
C PRO C 820 -11.34 -13.47 -22.23
N ASP C 821 -11.50 -12.64 -23.24
CA ASP C 821 -11.66 -13.11 -24.62
C ASP C 821 -10.29 -13.46 -25.16
N VAL C 822 -9.84 -14.67 -24.82
CA VAL C 822 -8.59 -15.21 -25.33
C VAL C 822 -8.88 -16.58 -25.92
N PRO C 823 -8.04 -17.05 -26.85
CA PRO C 823 -8.32 -18.34 -27.50
C PRO C 823 -8.41 -19.51 -26.53
N TYR C 824 -7.68 -19.49 -25.42
CA TYR C 824 -7.77 -20.60 -24.49
C TYR C 824 -8.96 -20.51 -23.56
N VAL C 825 -9.76 -19.45 -23.65
CA VAL C 825 -11.03 -19.36 -22.94
C VAL C 825 -12.21 -19.64 -23.86
N LYS C 826 -12.26 -18.99 -25.02
CA LYS C 826 -13.41 -19.12 -25.91
C LYS C 826 -13.38 -20.38 -26.75
N ARG C 827 -12.29 -21.12 -26.78
CA ARG C 827 -12.22 -22.36 -27.55
C ARG C 827 -12.00 -23.59 -26.68
N VAL C 828 -11.82 -23.42 -25.37
CA VAL C 828 -11.58 -24.51 -24.45
C VAL C 828 -12.63 -24.46 -23.35
N LYS C 829 -13.17 -25.62 -22.99
CA LYS C 829 -14.12 -25.70 -21.89
C LYS C 829 -13.44 -25.27 -20.60
N THR C 830 -14.21 -24.66 -19.69
CA THR C 830 -13.65 -24.05 -18.51
C THR C 830 -12.94 -25.08 -17.63
N TRP C 831 -13.57 -26.22 -17.40
CA TRP C 831 -12.94 -27.22 -16.55
C TRP C 831 -11.76 -27.89 -17.25
N ARG C 832 -11.79 -27.97 -18.58
CA ARG C 832 -10.62 -28.47 -19.31
C ARG C 832 -9.42 -27.54 -19.12
N MET C 833 -9.65 -26.23 -19.25
CA MET C 833 -8.58 -25.26 -19.01
C MET C 833 -8.09 -25.32 -17.57
N HIS C 834 -9.02 -25.47 -16.62
CA HIS C 834 -8.63 -25.57 -15.21
C HIS C 834 -7.82 -26.83 -14.95
N LEU C 835 -8.17 -27.94 -15.61
CA LEU C 835 -7.38 -29.16 -15.50
C LEU C 835 -5.99 -28.97 -16.07
N PHE C 836 -5.89 -28.29 -17.22
CA PHE C 836 -4.58 -28.00 -17.81
C PHE C 836 -3.75 -27.15 -16.86
N THR C 837 -4.36 -26.14 -16.24
CA THR C 837 -3.64 -25.30 -15.29
C THR C 837 -3.23 -26.07 -14.04
N GLY C 838 -4.11 -26.94 -13.57
CA GLY C 838 -3.80 -27.73 -12.38
C GLY C 838 -2.66 -28.71 -12.60
N ILE C 839 -2.57 -29.28 -13.80
CA ILE C 839 -1.44 -30.16 -14.10
C ILE C 839 -0.13 -29.39 -14.00
N GLN C 840 -0.12 -28.14 -14.46
CA GLN C 840 1.08 -27.31 -14.34
C GLN C 840 1.41 -27.01 -12.88
N ILE C 841 0.39 -26.81 -12.06
CA ILE C 841 0.61 -26.52 -10.64
C ILE C 841 1.26 -27.72 -9.95
N ILE C 842 0.88 -28.93 -10.35
CA ILE C 842 1.53 -30.12 -9.81
C ILE C 842 3.00 -30.14 -10.18
N CYS C 843 3.31 -29.74 -11.42
CA CYS C 843 4.71 -29.60 -11.82
C CYS C 843 5.42 -28.52 -11.00
N LEU C 844 4.72 -27.42 -10.71
CA LEU C 844 5.29 -26.37 -9.88
C LEU C 844 5.61 -26.89 -8.49
N ALA C 845 4.68 -27.65 -7.89
CA ALA C 845 4.93 -28.21 -6.56
C ALA C 845 6.07 -29.21 -6.59
N VAL C 846 6.11 -30.06 -7.62
CA VAL C 846 7.18 -31.05 -7.73
C VAL C 846 8.54 -30.37 -7.84
N LEU C 847 8.63 -29.34 -8.68
CA LEU C 847 9.89 -28.61 -8.83
C LEU C 847 10.26 -27.85 -7.56
N TRP C 848 9.26 -27.32 -6.85
CA TRP C 848 9.52 -26.62 -5.60
C TRP C 848 10.05 -27.56 -4.54
N VAL C 849 9.51 -28.78 -4.47
CA VAL C 849 9.99 -29.77 -3.52
C VAL C 849 11.43 -30.14 -3.81
N VAL C 850 11.77 -30.31 -5.09
CA VAL C 850 13.12 -30.73 -5.46
C VAL C 850 14.15 -29.67 -5.04
N LYS C 851 13.80 -28.39 -5.19
CA LYS C 851 14.71 -27.33 -4.78
C LYS C 851 14.98 -27.37 -3.28
N SER C 852 13.95 -27.64 -2.48
CA SER C 852 14.06 -27.62 -1.02
C SER C 852 14.58 -28.92 -0.45
N THR C 853 15.31 -29.70 -1.25
CA THR C 853 15.91 -30.96 -0.86
C THR C 853 17.40 -30.87 -1.11
N PRO C 854 18.19 -31.77 -0.50
CA PRO C 854 19.62 -31.81 -0.84
C PRO C 854 19.90 -32.09 -2.31
N ALA C 855 18.97 -32.69 -3.03
CA ALA C 855 19.13 -32.94 -4.46
C ALA C 855 18.60 -31.78 -5.30
N SER C 856 18.99 -30.55 -4.97
CA SER C 856 18.49 -29.39 -5.70
C SER C 856 19.26 -29.12 -6.99
N LEU C 857 20.37 -29.82 -7.21
CA LEU C 857 21.06 -29.72 -8.51
C LEU C 857 20.37 -30.55 -9.58
N ALA C 858 19.41 -31.39 -9.21
CA ALA C 858 18.65 -32.18 -10.17
C ALA C 858 17.46 -31.43 -10.75
N LEU C 859 17.24 -30.19 -10.30
CA LEU C 859 16.11 -29.40 -10.79
C LEU C 859 16.08 -29.23 -12.31
N PRO C 860 17.19 -28.97 -13.02
CA PRO C 860 17.08 -28.88 -14.49
C PRO C 860 16.56 -30.14 -15.16
N PHE C 861 16.89 -31.31 -14.62
CA PHE C 861 16.40 -32.56 -15.23
C PHE C 861 14.90 -32.73 -15.01
N VAL C 862 14.41 -32.43 -13.81
CA VAL C 862 12.99 -32.52 -13.55
C VAL C 862 12.22 -31.49 -14.39
N LEU C 863 12.83 -30.33 -14.62
CA LEU C 863 12.22 -29.36 -15.53
C LEU C 863 12.20 -29.88 -16.96
N ILE C 864 13.29 -30.53 -17.40
CA ILE C 864 13.35 -31.11 -18.73
C ILE C 864 12.26 -32.17 -18.91
N LEU C 865 11.95 -32.89 -17.83
CA LEU C 865 10.91 -33.92 -17.90
C LEU C 865 9.54 -33.37 -18.28
N THR C 866 9.32 -32.06 -18.14
CA THR C 866 8.05 -31.47 -18.54
C THR C 866 7.87 -31.46 -20.06
N VAL C 867 8.96 -31.49 -20.82
CA VAL C 867 8.87 -31.50 -22.28
C VAL C 867 8.25 -32.80 -22.78
N PRO C 868 8.66 -33.99 -22.32
CA PRO C 868 7.88 -35.19 -22.67
C PRO C 868 6.45 -35.16 -22.15
N LEU C 869 6.20 -34.52 -21.01
CA LEU C 869 4.85 -34.46 -20.47
C LEU C 869 3.91 -33.71 -21.41
N ARG C 870 4.37 -32.59 -21.97
CA ARG C 870 3.56 -31.84 -22.93
C ARG C 870 3.40 -32.60 -24.24
N ARG C 871 4.45 -33.28 -24.70
CA ARG C 871 4.47 -33.82 -26.06
C ARG C 871 4.02 -35.27 -26.14
N VAL C 872 4.05 -36.03 -25.05
CA VAL C 872 3.65 -37.43 -25.06
C VAL C 872 2.38 -37.66 -24.26
N LEU C 873 2.29 -37.11 -23.05
CA LEU C 873 1.19 -37.41 -22.15
C LEU C 873 -0.01 -36.47 -22.31
N LEU C 874 0.23 -35.18 -22.51
CA LEU C 874 -0.88 -34.24 -22.69
C LEU C 874 -1.78 -34.56 -23.88
N PRO C 875 -1.29 -34.99 -25.05
CA PRO C 875 -2.23 -35.38 -26.12
C PRO C 875 -3.14 -36.54 -25.76
N LEU C 876 -2.81 -37.31 -24.73
CA LEU C 876 -3.68 -38.41 -24.31
C LEU C 876 -4.95 -37.93 -23.64
N ILE C 877 -4.96 -36.72 -23.08
CA ILE C 877 -6.12 -36.21 -22.36
C ILE C 877 -6.66 -34.90 -22.93
N PHE C 878 -5.93 -34.24 -23.83
CA PHE C 878 -6.39 -33.02 -24.47
C PHE C 878 -6.38 -33.20 -25.98
N ARG C 879 -7.29 -32.52 -26.67
CA ARG C 879 -7.30 -32.52 -28.12
C ARG C 879 -6.24 -31.58 -28.66
N ASN C 880 -5.96 -31.72 -29.96
CA ASN C 880 -4.93 -30.90 -30.59
C ASN C 880 -5.31 -29.42 -30.58
N VAL C 881 -6.58 -29.12 -30.83
CA VAL C 881 -7.02 -27.73 -30.83
C VAL C 881 -6.92 -27.12 -29.44
N GLU C 882 -7.26 -27.91 -28.41
CA GLU C 882 -7.09 -27.47 -27.04
C GLU C 882 -5.64 -27.16 -26.72
N LEU C 883 -4.73 -28.05 -27.13
CA LEU C 883 -3.31 -27.85 -26.84
C LEU C 883 -2.74 -26.68 -27.61
N GLN C 884 -3.22 -26.45 -28.83
CA GLN C 884 -2.77 -25.30 -29.60
C GLN C 884 -3.26 -24.00 -29.00
N CYS C 885 -4.49 -23.98 -28.47
CA CYS C 885 -4.99 -22.78 -27.83
C CYS C 885 -4.28 -22.52 -26.50
N LEU C 886 -3.98 -23.59 -25.75
CA LEU C 886 -3.40 -23.45 -24.42
C LEU C 886 -1.88 -23.33 -24.43
N ASP C 887 -1.21 -23.94 -25.40
CA ASP C 887 0.24 -23.89 -25.52
C ASP C 887 0.58 -23.35 -26.90
N ALA C 888 0.57 -22.03 -27.03
CA ALA C 888 0.84 -21.36 -28.29
C ALA C 888 2.11 -20.54 -28.17
N ASP C 889 2.95 -20.59 -29.20
CA ASP C 889 4.23 -19.87 -29.15
C ASP C 889 4.04 -18.36 -29.26
N ASP C 890 2.97 -17.92 -29.90
CA ASP C 890 2.78 -16.48 -30.11
C ASP C 890 1.39 -16.00 -29.71
N ALA C 891 0.71 -16.74 -28.83
CA ALA C 891 -0.65 -16.42 -28.37
C ALA C 891 -1.61 -16.29 -29.56
N LYS C 892 -1.75 -17.40 -30.28
CA LYS C 892 -2.57 -17.49 -31.47
C LYS C 892 -3.76 -18.41 -31.22
N ALA C 893 -4.78 -18.25 -32.05
CA ALA C 893 -6.01 -19.04 -31.95
C ALA C 893 -5.98 -20.27 -32.85
N THR C 894 -4.92 -21.07 -32.69
CA THR C 894 -4.70 -22.29 -33.48
C THR C 894 -4.74 -22.04 -34.98
N PRO D 371 -38.94 19.51 0.57
CA PRO D 371 -38.37 19.50 1.92
C PRO D 371 -38.01 20.89 2.41
N LEU D 372 -37.43 21.69 1.52
CA LEU D 372 -36.92 23.01 1.86
C LEU D 372 -37.90 24.13 1.51
N GLN D 373 -39.13 23.79 1.12
CA GLN D 373 -40.14 24.81 0.87
C GLN D 373 -40.72 25.33 2.18
N GLN D 374 -41.16 26.58 2.17
CA GLN D 374 -41.75 27.24 3.33
C GLN D 374 -43.26 27.20 3.19
N THR D 375 -43.93 26.53 4.13
CA THR D 375 -45.38 26.37 4.06
C THR D 375 -46.11 27.60 4.58
N GLY D 376 -45.55 28.29 5.57
CA GLY D 376 -46.19 29.45 6.16
C GLY D 376 -47.07 29.15 7.35
N GLN D 377 -47.33 27.88 7.64
CA GLN D 377 -48.08 27.47 8.83
C GLN D 377 -47.09 27.16 9.95
N LEU D 378 -47.48 27.50 11.18
CA LEU D 378 -46.62 27.26 12.32
C LEU D 378 -46.31 25.77 12.46
N PHE D 379 -45.03 25.46 12.66
CA PHE D 379 -44.50 24.09 12.70
C PHE D 379 -44.83 23.32 11.43
N GLY D 380 -44.94 24.00 10.30
CA GLY D 380 -45.33 23.33 9.07
C GLY D 380 -44.27 22.36 8.57
N GLY D 381 -43.00 22.76 8.62
CA GLY D 381 -41.94 21.86 8.20
C GLY D 381 -41.81 20.66 9.11
N LEU D 382 -42.00 20.86 10.41
CA LEU D 382 -41.96 19.75 11.36
C LEU D 382 -43.07 18.74 11.08
N VAL D 383 -44.27 19.22 10.78
CA VAL D 383 -45.39 18.32 10.50
C VAL D 383 -45.18 17.61 9.17
N ARG D 384 -44.69 18.31 8.16
CA ARG D 384 -44.47 17.69 6.86
C ARG D 384 -43.39 16.62 6.92
N ASP D 385 -42.36 16.84 7.74
CA ASP D 385 -41.31 15.84 7.88
C ASP D 385 -41.84 14.56 8.52
N ILE D 386 -42.73 14.71 9.51
CA ILE D 386 -43.35 13.54 10.13
C ILE D 386 -44.20 12.79 9.12
N ARG D 387 -44.97 13.51 8.30
CA ARG D 387 -45.83 12.85 7.33
C ARG D 387 -45.04 12.22 6.20
N ARG D 388 -43.85 12.76 5.91
CA ARG D 388 -43.07 12.27 4.78
C ARG D 388 -42.40 10.93 5.10
N ARG D 389 -41.91 10.77 6.33
CA ARG D 389 -41.01 9.66 6.65
C ARG D 389 -41.66 8.56 7.46
N TYR D 390 -42.52 8.89 8.41
CA TYR D 390 -43.12 7.89 9.30
C TYR D 390 -43.97 6.83 8.59
N PRO D 391 -44.56 7.10 7.40
CA PRO D 391 -45.12 5.98 6.63
C PRO D 391 -44.12 4.90 6.28
N TYR D 392 -42.84 5.24 6.14
CA TYR D 392 -41.81 4.26 5.82
C TYR D 392 -41.27 3.52 7.04
N TYR D 393 -41.90 3.69 8.22
CA TYR D 393 -41.33 3.18 9.46
C TYR D 393 -41.22 1.67 9.43
N LEU D 394 -42.22 0.99 8.88
CA LEU D 394 -42.16 -0.47 8.76
C LEU D 394 -41.01 -0.88 7.86
N SER D 395 -40.81 -0.17 6.75
CA SER D 395 -39.66 -0.43 5.89
C SER D 395 -38.35 -0.08 6.57
N ASP D 396 -38.36 0.91 7.47
CA ASP D 396 -37.15 1.31 8.18
C ASP D 396 -36.63 0.24 9.12
N ILE D 397 -37.42 -0.80 9.39
CA ILE D 397 -37.00 -1.91 10.22
C ILE D 397 -36.73 -3.16 9.39
N THR D 398 -37.57 -3.43 8.40
CA THR D 398 -37.40 -4.61 7.56
C THR D 398 -36.25 -4.46 6.57
N ASP D 399 -35.90 -3.23 6.19
CA ASP D 399 -34.82 -3.01 5.23
C ASP D 399 -33.44 -3.28 5.80
N ALA D 400 -33.33 -3.49 7.11
CA ALA D 400 -32.04 -3.73 7.73
C ALA D 400 -31.69 -5.20 7.83
N PHE D 401 -32.50 -6.10 7.26
CA PHE D 401 -32.25 -7.54 7.33
C PHE D 401 -31.30 -7.92 6.20
N SER D 402 -30.04 -7.57 6.39
CA SER D 402 -28.99 -7.86 5.41
C SER D 402 -27.63 -7.81 6.09
N PRO D 403 -26.65 -8.59 5.63
CA PRO D 403 -25.31 -8.52 6.22
C PRO D 403 -24.63 -7.17 6.05
N GLN D 404 -25.02 -6.41 5.03
CA GLN D 404 -24.41 -5.09 4.81
C GLN D 404 -24.70 -4.15 5.97
N VAL D 405 -25.91 -4.22 6.53
CA VAL D 405 -26.26 -3.39 7.67
C VAL D 405 -25.43 -3.79 8.89
N LEU D 406 -25.18 -5.09 9.07
CA LEU D 406 -24.37 -5.55 10.20
C LEU D 406 -22.93 -5.06 10.05
N ALA D 407 -22.37 -5.14 8.84
CA ALA D 407 -21.04 -4.62 8.61
C ALA D 407 -20.98 -3.11 8.86
N ALA D 408 -22.02 -2.39 8.46
CA ALA D 408 -22.09 -0.96 8.74
C ALA D 408 -22.14 -0.70 10.24
N VAL D 409 -22.87 -1.54 10.99
CA VAL D 409 -22.92 -1.36 12.44
C VAL D 409 -21.54 -1.54 13.05
N ILE D 410 -20.81 -2.56 12.61
CA ILE D 410 -19.47 -2.81 13.16
C ILE D 410 -18.52 -1.66 12.80
N PHE D 411 -18.63 -1.14 11.57
CA PHE D 411 -17.82 0.00 11.15
C PHE D 411 -18.12 1.24 11.99
N ILE D 412 -19.38 1.70 11.95
CA ILE D 412 -19.72 2.95 12.59
C ILE D 412 -19.65 2.86 14.11
N TYR D 413 -19.67 1.65 14.69
CA TYR D 413 -19.46 1.53 16.12
C TYR D 413 -18.10 2.06 16.54
N PHE D 414 -17.03 1.58 15.91
CA PHE D 414 -15.70 2.10 16.20
C PHE D 414 -15.57 3.55 15.77
N ALA D 415 -16.13 3.87 14.59
CA ALA D 415 -16.04 5.23 14.07
C ALA D 415 -16.71 6.25 14.98
N ALA D 416 -17.66 5.81 15.80
CA ALA D 416 -18.33 6.70 16.75
C ALA D 416 -17.77 6.59 18.16
N LEU D 417 -17.27 5.41 18.54
CA LEU D 417 -16.77 5.20 19.89
C LEU D 417 -15.44 5.90 20.10
N SER D 418 -14.52 5.77 19.13
CA SER D 418 -13.19 6.34 19.33
C SER D 418 -13.21 7.86 19.46
N PRO D 419 -13.91 8.63 18.62
CA PRO D 419 -14.03 10.07 18.90
C PRO D 419 -14.66 10.36 20.24
N ALA D 420 -15.62 9.54 20.68
CA ALA D 420 -16.26 9.75 21.98
C ALA D 420 -15.22 9.64 23.10
N ILE D 421 -14.41 8.59 23.07
CA ILE D 421 -13.41 8.40 24.12
C ILE D 421 -12.35 9.50 24.07
N THR D 422 -11.86 9.82 22.87
CA THR D 422 -10.80 10.82 22.77
C THR D 422 -11.30 12.20 23.21
N PHE D 423 -12.45 12.62 22.69
CA PHE D 423 -13.00 13.92 23.05
C PHE D 423 -13.40 13.98 24.52
N GLY D 424 -13.89 12.87 25.07
CA GLY D 424 -14.21 12.85 26.49
C GLY D 424 -12.98 12.96 27.37
N GLY D 425 -11.88 12.30 26.98
CA GLY D 425 -10.64 12.46 27.72
C GLY D 425 -10.12 13.88 27.67
N LEU D 426 -10.13 14.48 26.48
CA LEU D 426 -9.71 15.88 26.36
C LEU D 426 -10.61 16.80 27.17
N LEU D 427 -11.91 16.54 27.15
CA LEU D 427 -12.88 17.35 27.88
C LEU D 427 -12.65 17.25 29.38
N GLY D 428 -12.38 16.05 29.88
CA GLY D 428 -12.07 15.89 31.29
C GLY D 428 -10.78 16.56 31.68
N GLU D 429 -9.78 16.52 30.80
CA GLU D 429 -8.53 17.24 31.07
C GLU D 429 -8.76 18.75 31.12
N LYS D 430 -9.57 19.28 30.21
CA LYS D 430 -9.75 20.72 30.08
C LYS D 430 -10.79 21.30 31.04
N THR D 431 -11.62 20.47 31.65
CA THR D 431 -12.66 20.96 32.56
C THR D 431 -12.54 20.38 33.97
N ARG D 432 -11.41 19.76 34.30
CA ARG D 432 -11.20 19.07 35.58
C ARG D 432 -12.28 18.02 35.82
N ASN D 433 -12.64 17.29 34.78
CA ASN D 433 -13.54 16.13 34.82
C ASN D 433 -14.94 16.48 35.28
N GLN D 434 -15.37 17.73 35.13
CA GLN D 434 -16.79 18.03 35.32
C GLN D 434 -17.63 17.35 34.24
N MET D 435 -17.14 17.33 33.00
CA MET D 435 -17.64 16.45 31.96
C MET D 435 -16.47 15.60 31.46
N GLY D 436 -16.72 14.30 31.29
CA GLY D 436 -15.65 13.41 30.91
C GLY D 436 -16.07 12.35 29.92
N VAL D 437 -15.39 11.19 29.94
CA VAL D 437 -15.63 10.15 28.95
C VAL D 437 -16.99 9.50 29.18
N SER D 438 -17.33 9.22 30.43
CA SER D 438 -18.58 8.52 30.73
C SER D 438 -19.78 9.37 30.36
N GLU D 439 -19.73 10.66 30.67
CA GLU D 439 -20.83 11.56 30.33
C GLU D 439 -21.03 11.62 28.83
N LEU D 440 -19.93 11.73 28.07
CA LEU D 440 -20.04 11.77 26.63
C LEU D 440 -20.56 10.46 26.06
N LEU D 441 -20.12 9.33 26.61
CA LEU D 441 -20.61 8.03 26.14
C LEU D 441 -22.10 7.88 26.37
N ILE D 442 -22.57 8.24 27.57
CA ILE D 442 -23.99 8.12 27.88
C ILE D 442 -24.82 9.08 27.04
N SER D 443 -24.36 10.32 26.88
CA SER D 443 -25.08 11.28 26.05
C SER D 443 -25.15 10.80 24.61
N THR D 444 -24.02 10.31 24.08
CA THR D 444 -23.99 9.80 22.71
C THR D 444 -24.96 8.64 22.55
N ALA D 445 -24.96 7.70 23.50
CA ALA D 445 -25.83 6.54 23.39
C ALA D 445 -27.30 6.93 23.44
N VAL D 446 -27.69 7.73 24.43
CA VAL D 446 -29.10 8.06 24.59
C VAL D 446 -29.60 8.89 23.41
N GLN D 447 -28.83 9.91 23.00
CA GLN D 447 -29.26 10.75 21.90
C GLN D 447 -29.26 9.97 20.59
N GLY D 448 -28.33 9.05 20.40
CA GLY D 448 -28.34 8.24 19.19
C GLY D 448 -29.53 7.31 19.13
N ILE D 449 -29.89 6.69 20.25
CA ILE D 449 -31.07 5.82 20.30
C ILE D 449 -32.32 6.62 19.98
N LEU D 450 -32.49 7.78 20.64
CA LEU D 450 -33.69 8.58 20.43
C LEU D 450 -33.75 9.11 19.00
N PHE D 451 -32.61 9.48 18.43
CA PHE D 451 -32.59 10.02 17.08
C PHE D 451 -32.87 8.92 16.05
N ALA D 452 -32.31 7.73 16.25
CA ALA D 452 -32.57 6.63 15.32
C ALA D 452 -34.02 6.19 15.39
N LEU D 453 -34.63 6.24 16.57
CA LEU D 453 -36.03 5.82 16.68
C LEU D 453 -36.98 6.87 16.14
N LEU D 454 -36.61 8.15 16.18
CA LEU D 454 -37.55 9.22 15.89
C LEU D 454 -37.18 10.12 14.72
N GLY D 455 -35.91 10.19 14.32
CA GLY D 455 -35.50 11.14 13.31
C GLY D 455 -35.99 10.77 11.92
N ALA D 456 -36.13 11.79 11.08
CA ALA D 456 -36.55 11.61 9.70
C ALA D 456 -35.39 11.29 8.76
N GLN D 457 -34.15 11.43 9.23
CA GLN D 457 -32.97 10.94 8.52
C GLN D 457 -32.18 10.10 9.52
N PRO D 458 -32.52 8.81 9.63
CA PRO D 458 -31.82 7.93 10.58
C PRO D 458 -30.37 7.69 10.25
N LEU D 459 -29.92 8.00 9.02
CA LEU D 459 -28.54 7.76 8.62
C LEU D 459 -27.57 8.77 9.19
N LEU D 460 -28.06 9.82 9.85
CA LEU D 460 -27.16 10.74 10.52
C LEU D 460 -26.62 10.11 11.80
N VAL D 461 -25.34 10.36 12.07
CA VAL D 461 -24.68 9.91 13.28
C VAL D 461 -24.48 11.12 14.18
N VAL D 462 -24.97 11.04 15.41
CA VAL D 462 -24.97 12.16 16.34
C VAL D 462 -23.83 11.96 17.34
N GLY D 463 -22.98 12.97 17.48
CA GLY D 463 -21.86 12.85 18.38
C GLY D 463 -21.16 14.17 18.60
N PHE D 464 -20.13 14.11 19.44
CA PHE D 464 -19.31 15.26 19.79
C PHE D 464 -18.29 15.57 18.69
N SER D 465 -18.02 16.85 18.51
CA SER D 465 -17.09 17.29 17.47
C SER D 465 -16.08 18.27 18.06
N GLY D 466 -15.10 18.62 17.25
CA GLY D 466 -14.06 19.54 17.62
C GLY D 466 -14.54 20.94 17.99
N PRO D 467 -15.39 21.55 17.16
CA PRO D 467 -15.93 22.87 17.53
C PRO D 467 -16.69 22.88 18.85
N LEU D 468 -17.41 21.81 19.17
CA LEU D 468 -18.07 21.72 20.46
C LEU D 468 -17.07 21.66 21.60
N LEU D 469 -15.96 20.95 21.40
CA LEU D 469 -14.89 20.92 22.39
C LEU D 469 -14.28 22.30 22.57
N VAL D 470 -14.09 23.04 21.47
CA VAL D 470 -13.54 24.39 21.57
C VAL D 470 -14.49 25.30 22.33
N PHE D 471 -15.80 25.19 22.08
CA PHE D 471 -16.74 25.98 22.85
C PHE D 471 -16.71 25.62 24.33
N GLU D 472 -16.61 24.31 24.64
CA GLU D 472 -16.54 23.92 26.04
C GLU D 472 -15.31 24.50 26.71
N GLU D 473 -14.18 24.48 26.02
CA GLU D 473 -12.95 25.09 26.53
C GLU D 473 -13.15 26.57 26.82
N ALA D 474 -13.69 27.31 25.85
CA ALA D 474 -13.87 28.74 26.02
C ALA D 474 -14.84 29.06 27.15
N PHE D 475 -15.94 28.33 27.24
CA PHE D 475 -16.93 28.58 28.28
C PHE D 475 -16.39 28.21 29.65
N PHE D 476 -15.62 27.13 29.74
CA PHE D 476 -15.01 26.76 31.01
C PHE D 476 -14.02 27.83 31.47
N SER D 477 -13.22 28.36 30.54
CA SER D 477 -12.30 29.44 30.90
C SER D 477 -13.06 30.69 31.33
N PHE D 478 -14.17 31.00 30.65
CA PHE D 478 -14.97 32.15 31.04
C PHE D 478 -15.53 32.00 32.44
N CYS D 479 -16.06 30.81 32.76
CA CYS D 479 -16.62 30.58 34.09
C CYS D 479 -15.52 30.58 35.15
N GLU D 480 -14.33 30.08 34.80
CA GLU D 480 -13.21 30.08 35.73
C GLU D 480 -12.78 31.51 36.05
N THR D 481 -12.74 32.37 35.04
CA THR D 481 -12.32 33.76 35.26
C THR D 481 -13.32 34.50 36.16
N ASN D 482 -14.61 34.29 35.95
CA ASN D 482 -15.65 35.02 36.66
C ASN D 482 -16.11 34.33 37.94
N GLY D 483 -15.50 33.20 38.30
CA GLY D 483 -15.93 32.46 39.46
C GLY D 483 -17.31 31.86 39.34
N LEU D 484 -17.63 31.33 38.16
CA LEU D 484 -18.94 30.74 37.91
C LEU D 484 -18.83 29.23 37.82
N GLU D 485 -19.89 28.55 38.25
CA GLU D 485 -19.97 27.10 38.13
C GLU D 485 -20.21 26.74 36.68
N TYR D 486 -19.27 26.00 36.09
CA TYR D 486 -19.30 25.72 34.66
C TYR D 486 -20.50 24.87 34.26
N ILE D 487 -20.82 23.86 35.08
CA ILE D 487 -21.88 22.92 34.70
C ILE D 487 -23.25 23.58 34.81
N VAL D 488 -23.43 24.50 35.77
CA VAL D 488 -24.71 25.20 35.89
C VAL D 488 -24.89 26.18 34.74
N GLY D 489 -23.81 26.85 34.34
CA GLY D 489 -23.86 27.66 33.14
C GLY D 489 -24.22 26.86 31.91
N ARG D 490 -23.71 25.63 31.81
CA ARG D 490 -24.11 24.76 30.71
C ARG D 490 -25.60 24.44 30.78
N VAL D 491 -26.12 24.23 32.00
CA VAL D 491 -27.56 23.97 32.15
C VAL D 491 -28.37 25.14 31.61
N TRP D 492 -27.95 26.37 31.92
CA TRP D 492 -28.71 27.51 31.44
C TRP D 492 -28.54 27.73 29.93
N ILE D 493 -27.36 27.40 29.39
CA ILE D 493 -27.19 27.44 27.93
C ILE D 493 -28.14 26.45 27.27
N GLY D 494 -28.24 25.24 27.81
CA GLY D 494 -29.17 24.26 27.27
C GLY D 494 -30.61 24.70 27.42
N PHE D 495 -30.91 25.41 28.50
CA PHE D 495 -32.24 26.00 28.67
C PHE D 495 -32.55 26.98 27.55
N TRP D 496 -31.58 27.82 27.20
CA TRP D 496 -31.80 28.76 26.10
C TRP D 496 -31.75 28.06 24.75
N LEU D 497 -31.08 26.92 24.65
CA LEU D 497 -31.03 26.18 23.39
C LEU D 497 -32.41 25.65 23.00
N ILE D 498 -33.17 25.17 23.97
CA ILE D 498 -34.51 24.66 23.70
C ILE D 498 -35.43 25.77 23.21
N LEU D 499 -35.27 26.98 23.77
CA LEU D 499 -36.08 28.11 23.33
C LEU D 499 -35.81 28.46 21.88
N LEU D 500 -34.53 28.49 21.48
CA LEU D 500 -34.19 28.91 20.13
C LEU D 500 -34.70 27.92 19.09
N VAL D 501 -34.53 26.62 19.33
CA VAL D 501 -34.88 25.63 18.32
C VAL D 501 -36.40 25.54 18.16
N VAL D 502 -37.15 25.68 19.25
CA VAL D 502 -38.60 25.65 19.15
C VAL D 502 -39.09 26.82 18.31
N LEU D 503 -38.53 28.01 18.53
CA LEU D 503 -38.89 29.17 17.72
C LEU D 503 -38.48 28.97 16.26
N VAL D 504 -37.29 28.41 16.02
CA VAL D 504 -36.84 28.18 14.65
C VAL D 504 -37.73 27.16 13.96
N VAL D 505 -38.08 26.07 14.65
CA VAL D 505 -38.94 25.06 14.07
C VAL D 505 -40.35 25.59 13.86
N ALA D 506 -40.84 26.40 14.80
CA ALA D 506 -42.18 26.97 14.68
C ALA D 506 -42.30 27.86 13.45
N PHE D 507 -41.28 28.65 13.19
CA PHE D 507 -41.28 29.58 12.07
C PHE D 507 -40.58 29.01 10.83
N GLU D 508 -40.34 27.70 10.82
CA GLU D 508 -39.74 27.00 9.69
C GLU D 508 -38.39 27.60 9.30
N GLY D 509 -37.58 27.92 10.32
CA GLY D 509 -36.29 28.53 10.08
C GLY D 509 -35.31 27.64 9.33
N SER D 510 -35.61 26.35 9.23
CA SER D 510 -34.75 25.44 8.47
C SER D 510 -34.99 25.53 6.98
N PHE D 511 -35.79 26.49 6.52
CA PHE D 511 -35.92 26.72 5.08
C PHE D 511 -34.79 27.58 4.54
N LEU D 512 -34.00 28.21 5.43
CA LEU D 512 -32.83 28.96 4.99
C LEU D 512 -31.71 28.06 4.48
N VAL D 513 -31.82 26.75 4.70
CA VAL D 513 -30.82 25.81 4.22
C VAL D 513 -30.86 25.69 2.70
N ARG D 514 -31.94 26.17 2.06
CA ARG D 514 -32.02 26.11 0.61
C ARG D 514 -31.05 27.08 -0.07
N PHE D 515 -30.57 28.10 0.63
CA PHE D 515 -29.59 29.02 0.08
C PHE D 515 -28.18 28.49 0.17
N ILE D 516 -27.97 27.36 0.83
CA ILE D 516 -26.67 26.70 0.92
C ILE D 516 -26.60 25.76 -0.29
N SER D 517 -25.83 26.15 -1.30
CA SER D 517 -25.75 25.38 -2.53
C SER D 517 -24.62 24.36 -2.44
N ARG D 518 -24.35 23.70 -3.57
CA ARG D 518 -23.25 22.75 -3.64
C ARG D 518 -21.91 23.43 -3.36
N TYR D 519 -21.82 24.73 -3.61
CA TYR D 519 -20.62 25.50 -3.33
C TYR D 519 -20.22 25.41 -1.86
N THR D 520 -21.10 25.90 -0.98
CA THR D 520 -20.81 25.89 0.46
C THR D 520 -20.75 24.48 1.00
N GLN D 521 -21.64 23.59 0.51
CA GLN D 521 -21.63 22.20 0.96
C GLN D 521 -20.28 21.55 0.69
N GLU D 522 -19.76 21.71 -0.53
CA GLU D 522 -18.51 21.05 -0.88
C GLU D 522 -17.31 21.71 -0.23
N ILE D 523 -17.33 23.02 -0.04
CA ILE D 523 -16.25 23.66 0.72
C ILE D 523 -16.20 23.11 2.14
N PHE D 524 -17.37 23.02 2.79
CA PHE D 524 -17.45 22.52 4.15
C PHE D 524 -17.02 21.06 4.24
N SER D 525 -17.52 20.24 3.32
CA SER D 525 -17.19 18.80 3.34
C SER D 525 -15.72 18.56 3.10
N PHE D 526 -15.13 19.25 2.11
CA PHE D 526 -13.72 19.09 1.82
C PHE D 526 -12.87 19.56 2.99
N LEU D 527 -13.23 20.69 3.61
CA LEU D 527 -12.48 21.18 4.75
C LEU D 527 -12.54 20.20 5.92
N ILE D 528 -13.73 19.65 6.18
CA ILE D 528 -13.88 18.74 7.32
C ILE D 528 -13.13 17.44 7.07
N SER D 529 -13.15 16.93 5.84
CA SER D 529 -12.36 15.74 5.51
C SER D 529 -10.86 16.02 5.65
N LEU D 530 -10.40 17.19 5.20
CA LEU D 530 -9.00 17.54 5.34
C LEU D 530 -8.58 17.61 6.80
N ILE D 531 -9.41 18.24 7.64
CA ILE D 531 -9.11 18.32 9.07
C ILE D 531 -9.09 16.94 9.70
N PHE D 532 -10.01 16.07 9.27
CA PHE D 532 -10.03 14.70 9.80
C PHE D 532 -8.74 13.96 9.48
N ILE D 533 -8.30 14.05 8.23
CA ILE D 533 -7.06 13.36 7.83
C ILE D 533 -5.86 13.96 8.55
N TYR D 534 -5.83 15.30 8.67
CA TYR D 534 -4.72 15.97 9.33
C TYR D 534 -4.63 15.57 10.81
N GLU D 535 -5.77 15.49 11.49
CA GLU D 535 -5.77 15.08 12.89
C GLU D 535 -5.36 13.62 13.05
N THR D 536 -5.80 12.75 12.12
CA THR D 536 -5.39 11.36 12.17
C THR D 536 -3.87 11.23 12.03
N PHE D 537 -3.27 11.99 11.11
CA PHE D 537 -1.81 11.94 10.97
C PHE D 537 -1.10 12.58 12.16
N SER D 538 -1.67 13.64 12.72
CA SER D 538 -1.03 14.29 13.87
C SER D 538 -1.05 13.40 15.10
N LYS D 539 -2.04 12.51 15.21
CA LYS D 539 -2.02 11.55 16.32
C LYS D 539 -0.83 10.59 16.21
N LEU D 540 -0.54 10.13 14.99
CA LEU D 540 0.64 9.28 14.78
C LEU D 540 1.93 10.05 15.02
N ILE D 541 1.96 11.32 14.62
CA ILE D 541 3.12 12.16 14.91
C ILE D 541 3.32 12.31 16.41
N LYS D 542 2.23 12.46 17.15
CA LYS D 542 2.33 12.53 18.62
C LYS D 542 2.84 11.22 19.20
N ILE D 543 2.42 10.09 18.64
CA ILE D 543 2.94 8.80 19.08
C ILE D 543 4.45 8.74 18.89
N PHE D 544 4.93 9.19 17.72
CA PHE D 544 6.37 9.19 17.46
C PHE D 544 7.10 10.16 18.37
N GLN D 545 6.47 11.28 18.73
CA GLN D 545 7.11 12.24 19.64
C GLN D 545 7.20 11.68 21.06
N ASP D 546 6.18 10.94 21.50
CA ASP D 546 6.20 10.36 22.83
C ASP D 546 7.23 9.25 22.95
N HIS D 547 7.41 8.44 21.91
CA HIS D 547 8.34 7.31 21.91
C HIS D 547 9.28 7.45 20.73
N PRO D 548 10.24 8.37 20.82
CA PRO D 548 11.16 8.58 19.70
C PRO D 548 12.12 7.42 19.54
N LEU D 549 12.64 7.30 18.33
CA LEU D 549 13.65 6.29 18.03
C LEU D 549 14.98 6.73 18.64
N GLN D 550 15.47 5.95 19.60
CA GLN D 550 16.69 6.26 20.32
C GLN D 550 17.64 5.08 20.22
N LYS D 551 18.92 5.34 20.48
CA LYS D 551 19.88 4.25 20.53
C LYS D 551 19.74 3.46 21.82
N THR D 552 19.41 4.14 22.92
CA THR D 552 19.29 3.52 24.23
C THR D 552 17.99 3.94 24.89
N TYR D 553 17.38 3.01 25.61
CA TYR D 553 16.15 3.25 26.37
C TYR D 553 16.35 2.78 27.80
N ASN D 554 15.60 3.37 28.71
CA ASN D 554 15.56 2.91 30.10
C ASN D 554 14.54 1.77 30.18
N TYR D 555 15.05 0.54 30.35
CA TYR D 555 14.18 -0.63 30.32
C TYR D 555 13.24 -0.68 31.52
N ASN D 556 13.49 0.10 32.56
CA ASN D 556 12.61 0.19 33.71
C ASN D 556 11.84 1.51 33.62
N VAL D 557 10.67 1.46 32.98
CA VAL D 557 9.79 2.62 32.83
C VAL D 557 8.43 2.25 33.39
N LEU D 558 7.93 3.08 34.31
CA LEU D 558 6.61 2.86 34.90
C LEU D 558 5.53 3.03 33.83
N MET D 559 4.58 2.09 33.80
CA MET D 559 3.58 2.04 32.75
C MET D 559 2.23 2.61 33.15
N VAL D 560 1.93 2.66 34.44
CA VAL D 560 0.63 3.17 34.90
C VAL D 560 0.75 4.66 35.21
N PRO D 561 -0.22 5.48 34.80
CA PRO D 561 -1.41 5.16 34.00
C PRO D 561 -1.06 5.02 32.52
N LYS D 562 -0.09 5.78 32.07
CA LYS D 562 0.48 5.72 30.74
C LYS D 562 1.99 5.71 30.90
N PRO D 563 2.74 5.20 29.91
CA PRO D 563 4.19 5.13 30.04
C PRO D 563 4.83 6.48 30.29
N GLN D 564 5.78 6.52 31.21
CA GLN D 564 6.40 7.75 31.68
C GLN D 564 7.69 8.08 30.94
N GLY D 565 8.08 7.27 29.96
CA GLY D 565 9.26 7.53 29.17
C GLY D 565 9.17 6.83 27.83
N PRO D 566 10.14 7.09 26.95
CA PRO D 566 10.14 6.42 25.65
C PRO D 566 10.27 4.91 25.78
N LEU D 567 9.61 4.20 24.88
CA LEU D 567 9.65 2.75 24.80
C LEU D 567 10.11 2.32 23.41
N PRO D 568 10.87 1.24 23.32
CA PRO D 568 11.28 0.75 22.00
C PRO D 568 10.12 0.15 21.24
N ASN D 569 10.24 0.18 19.91
CA ASN D 569 9.37 -0.56 19.00
C ASN D 569 7.92 -0.10 19.03
N THR D 570 7.59 0.92 19.81
CA THR D 570 6.19 1.31 19.98
C THR D 570 5.70 2.14 18.79
N ALA D 571 6.41 3.21 18.46
CA ALA D 571 5.96 4.10 17.39
C ALA D 571 6.02 3.42 16.04
N LEU D 572 7.08 2.64 15.79
CA LEU D 572 7.19 1.94 14.51
C LEU D 572 6.10 0.89 14.36
N LEU D 573 5.78 0.15 15.43
CA LEU D 573 4.69 -0.82 15.37
C LEU D 573 3.35 -0.12 15.19
N SER D 574 3.17 1.05 15.82
CA SER D 574 1.94 1.80 15.61
C SER D 574 1.78 2.22 14.17
N LEU D 575 2.86 2.69 13.55
CA LEU D 575 2.83 3.04 12.14
C LEU D 575 2.53 1.81 11.28
N VAL D 576 3.13 0.67 11.63
CA VAL D 576 2.88 -0.56 10.89
C VAL D 576 1.41 -0.97 10.98
N LEU D 577 0.83 -0.90 12.18
CA LEU D 577 -0.57 -1.28 12.35
C LEU D 577 -1.50 -0.34 11.60
N MET D 578 -1.23 0.97 11.66
CA MET D 578 -2.05 1.94 10.94
C MET D 578 -1.99 1.70 9.43
N ALA D 579 -0.78 1.53 8.89
CA ALA D 579 -0.62 1.29 7.46
C ALA D 579 -1.26 -0.02 7.05
N GLY D 580 -1.12 -1.07 7.86
CA GLY D 580 -1.70 -2.35 7.51
C GLY D 580 -3.21 -2.34 7.53
N THR D 581 -3.81 -1.66 8.51
CA THR D 581 -5.26 -1.55 8.54
C THR D 581 -5.77 -0.78 7.32
N PHE D 582 -5.12 0.35 7.00
CA PHE D 582 -5.51 1.10 5.81
C PHE D 582 -5.36 0.25 4.55
N PHE D 583 -4.26 -0.50 4.45
CA PHE D 583 -4.01 -1.32 3.28
C PHE D 583 -5.08 -2.39 3.12
N PHE D 584 -5.39 -3.12 4.20
CA PHE D 584 -6.38 -4.19 4.09
C PHE D 584 -7.77 -3.63 3.80
N ALA D 585 -8.11 -2.48 4.40
CA ALA D 585 -9.41 -1.87 4.11
C ALA D 585 -9.53 -1.49 2.64
N MET D 586 -8.51 -0.81 2.10
CA MET D 586 -8.57 -0.40 0.70
C MET D 586 -8.57 -1.61 -0.23
N MET D 587 -7.79 -2.64 0.10
CA MET D 587 -7.72 -3.82 -0.76
C MET D 587 -9.05 -4.58 -0.75
N LEU D 588 -9.70 -4.68 0.41
CA LEU D 588 -11.00 -5.34 0.45
C LEU D 588 -12.06 -4.52 -0.26
N ARG D 589 -11.96 -3.19 -0.20
CA ARG D 589 -12.87 -2.35 -0.97
C ARG D 589 -12.69 -2.57 -2.46
N LYS D 590 -11.44 -2.68 -2.92
CA LYS D 590 -11.19 -3.01 -4.32
C LYS D 590 -11.73 -4.39 -4.66
N PHE D 591 -11.55 -5.35 -3.74
CA PHE D 591 -11.99 -6.71 -3.98
C PHE D 591 -13.50 -6.80 -4.09
N LYS D 592 -14.22 -5.89 -3.43
CA LYS D 592 -15.68 -5.86 -3.55
C LYS D 592 -16.10 -5.64 -4.99
N ASN D 593 -15.44 -4.73 -5.69
CA ASN D 593 -15.82 -4.42 -7.07
C ASN D 593 -15.12 -5.36 -8.05
N SER D 594 -14.23 -6.22 -7.57
CA SER D 594 -13.43 -7.07 -8.41
C SER D 594 -14.28 -8.16 -9.06
N SER D 595 -13.64 -8.91 -9.96
CA SER D 595 -14.28 -10.02 -10.66
C SER D 595 -13.89 -11.37 -10.08
N TYR D 596 -13.29 -11.41 -8.89
CA TYR D 596 -12.84 -12.64 -8.27
C TYR D 596 -13.93 -13.21 -7.37
N PHE D 597 -13.90 -14.53 -7.19
CA PHE D 597 -14.78 -15.32 -6.34
C PHE D 597 -16.23 -15.28 -6.84
N PRO D 598 -17.12 -16.13 -6.31
CA PRO D 598 -18.55 -15.95 -6.58
C PRO D 598 -19.02 -14.59 -6.11
N GLY D 599 -19.97 -14.01 -6.87
CA GLY D 599 -20.35 -12.63 -6.64
C GLY D 599 -20.96 -12.38 -5.29
N LYS D 600 -21.80 -13.30 -4.82
CA LYS D 600 -22.44 -13.13 -3.51
C LYS D 600 -21.41 -13.13 -2.40
N LEU D 601 -20.51 -14.11 -2.40
CA LEU D 601 -19.45 -14.18 -1.41
C LEU D 601 -18.52 -12.96 -1.50
N ARG D 602 -18.21 -12.54 -2.73
CA ARG D 602 -17.34 -11.38 -2.92
C ARG D 602 -17.96 -10.11 -2.35
N ARG D 603 -19.25 -9.90 -2.60
CA ARG D 603 -19.91 -8.71 -2.07
C ARG D 603 -20.04 -8.77 -0.56
N VAL D 604 -20.27 -9.96 -0.01
CA VAL D 604 -20.32 -10.09 1.46
C VAL D 604 -18.97 -9.76 2.07
N ILE D 605 -17.89 -10.28 1.49
CA ILE D 605 -16.55 -10.02 2.02
C ILE D 605 -16.18 -8.54 1.86
N GLY D 606 -16.59 -7.93 0.74
CA GLY D 606 -16.35 -6.51 0.57
C GLY D 606 -17.12 -5.65 1.55
N ASP D 607 -18.34 -6.07 1.91
CA ASP D 607 -19.12 -5.34 2.90
C ASP D 607 -18.42 -5.33 4.26
N PHE D 608 -17.87 -6.47 4.66
CA PHE D 608 -17.17 -6.61 5.94
C PHE D 608 -15.70 -6.25 5.84
N GLY D 609 -15.31 -5.44 4.85
CA GLY D 609 -13.89 -5.15 4.65
C GLY D 609 -13.26 -4.43 5.83
N VAL D 610 -13.92 -3.39 6.33
CA VAL D 610 -13.42 -2.69 7.52
C VAL D 610 -13.40 -3.58 8.75
N PRO D 611 -14.47 -4.31 9.10
CA PRO D 611 -14.36 -5.22 10.26
C PRO D 611 -13.29 -6.28 10.09
N ILE D 612 -13.10 -6.81 8.87
CA ILE D 612 -12.08 -7.82 8.65
C ILE D 612 -10.69 -7.23 8.82
N SER D 613 -10.46 -6.01 8.31
CA SER D 613 -9.17 -5.36 8.50
C SER D 613 -8.89 -5.09 9.96
N ILE D 614 -9.90 -4.62 10.70
CA ILE D 614 -9.76 -4.38 12.12
C ILE D 614 -9.40 -5.67 12.85
N LEU D 615 -10.10 -6.77 12.51
CA LEU D 615 -9.84 -8.04 13.17
C LEU D 615 -8.44 -8.55 12.86
N ILE D 616 -8.01 -8.44 11.60
CA ILE D 616 -6.68 -8.92 11.22
C ILE D 616 -5.61 -8.18 11.99
N MET D 617 -5.70 -6.84 12.01
CA MET D 617 -4.63 -6.08 12.64
C MET D 617 -4.69 -6.17 14.17
N VAL D 618 -5.88 -6.33 14.76
CA VAL D 618 -5.97 -6.54 16.19
C VAL D 618 -5.35 -7.88 16.57
N LEU D 619 -5.58 -8.92 15.76
CA LEU D 619 -4.93 -10.20 16.00
C LEU D 619 -3.41 -10.08 15.86
N VAL D 620 -2.95 -9.33 14.86
CA VAL D 620 -1.51 -9.13 14.66
C VAL D 620 -0.89 -8.48 15.88
N ASP D 621 -1.54 -7.44 16.40
CA ASP D 621 -1.04 -6.79 17.61
C ASP D 621 -1.14 -7.71 18.82
N PHE D 622 -2.17 -8.54 18.87
CA PHE D 622 -2.37 -9.44 20.00
C PHE D 622 -1.25 -10.46 20.10
N PHE D 623 -0.82 -11.01 18.97
CA PHE D 623 0.25 -12.01 19.00
C PHE D 623 1.65 -11.40 19.17
N ILE D 624 1.74 -10.10 19.45
CA ILE D 624 3.01 -9.47 19.80
C ILE D 624 2.95 -9.05 21.27
N GLN D 625 3.45 -9.91 22.16
CA GLN D 625 3.26 -9.69 23.59
C GLN D 625 4.19 -8.62 24.14
N ASP D 626 5.44 -8.56 23.66
CA ASP D 626 6.46 -7.75 24.30
C ASP D 626 6.25 -6.26 24.10
N THR D 627 5.90 -5.84 22.88
CA THR D 627 5.81 -4.41 22.56
C THR D 627 4.51 -3.82 23.06
N TYR D 628 4.59 -2.59 23.59
CA TYR D 628 3.42 -1.86 24.06
C TYR D 628 2.80 -1.04 22.94
N THR D 629 1.47 -1.10 22.86
CA THR D 629 0.69 -0.21 21.99
C THR D 629 -0.47 0.34 22.79
N GLN D 630 -0.79 1.62 22.56
CA GLN D 630 -1.89 2.25 23.27
C GLN D 630 -3.21 1.63 22.87
N LYS D 631 -4.04 1.31 23.86
CA LYS D 631 -5.29 0.60 23.67
C LYS D 631 -6.47 1.49 24.03
N LEU D 632 -7.67 1.04 23.67
CA LEU D 632 -8.88 1.75 24.03
C LEU D 632 -9.11 1.70 25.53
N SER D 633 -9.50 2.84 26.10
CA SER D 633 -9.69 2.98 27.54
C SER D 633 -11.08 3.53 27.80
N VAL D 634 -11.90 2.74 28.48
CA VAL D 634 -13.24 3.17 28.89
C VAL D 634 -13.28 3.24 30.40
N PRO D 635 -14.14 4.05 31.00
CA PRO D 635 -14.24 4.10 32.46
C PRO D 635 -14.71 2.78 33.04
N ASP D 636 -14.45 2.61 34.34
CA ASP D 636 -14.76 1.36 35.02
C ASP D 636 -16.27 1.09 35.02
N GLY D 637 -17.08 2.12 35.26
CA GLY D 637 -18.51 1.94 35.28
C GLY D 637 -19.29 3.17 34.86
N PHE D 638 -20.61 3.09 34.96
CA PHE D 638 -21.50 4.19 34.60
C PHE D 638 -21.61 5.15 35.79
N LYS D 639 -20.55 5.93 35.98
CA LYS D 639 -20.50 6.91 37.05
C LYS D 639 -19.91 8.21 36.53
N VAL D 640 -20.20 9.30 37.24
CA VAL D 640 -19.66 10.60 36.86
C VAL D 640 -18.15 10.58 36.96
N SER D 641 -17.49 11.37 36.10
CA SER D 641 -16.03 11.38 36.06
C SER D 641 -15.45 11.93 37.35
N ASN D 642 -16.06 12.97 37.90
CA ASN D 642 -15.64 13.58 39.16
C ASN D 642 -16.84 13.50 40.09
N SER D 643 -16.83 12.50 40.98
CA SER D 643 -17.92 12.37 41.93
C SER D 643 -17.92 13.47 42.99
N SER D 644 -16.79 14.17 43.15
CA SER D 644 -16.73 15.24 44.14
C SER D 644 -17.24 16.56 43.58
N ALA D 645 -17.42 16.67 42.26
CA ALA D 645 -17.86 17.93 41.67
C ALA D 645 -19.38 17.99 41.56
N ARG D 646 -19.99 16.99 40.94
CA ARG D 646 -21.41 17.03 40.66
C ARG D 646 -21.97 15.61 40.61
N GLY D 647 -23.29 15.51 40.69
CA GLY D 647 -23.99 14.27 40.52
C GLY D 647 -24.50 14.08 39.11
N TRP D 648 -25.54 13.25 38.98
CA TRP D 648 -26.16 13.09 37.68
C TRP D 648 -27.06 14.25 37.31
N VAL D 649 -27.73 14.87 38.28
CA VAL D 649 -28.64 15.99 38.03
C VAL D 649 -27.99 17.25 38.59
N ILE D 650 -27.91 18.27 37.76
CA ILE D 650 -27.30 19.54 38.16
C ILE D 650 -28.41 20.54 38.44
N HIS D 651 -28.39 21.11 39.63
CA HIS D 651 -29.41 22.06 40.05
C HIS D 651 -29.22 23.37 39.28
N PRO D 652 -30.26 23.87 38.60
CA PRO D 652 -30.09 25.12 37.84
C PRO D 652 -29.75 26.32 38.70
N LEU D 653 -30.03 26.28 40.01
CA LEU D 653 -29.77 27.42 40.87
C LEU D 653 -28.38 27.39 41.51
N GLY D 654 -27.62 26.31 41.33
CA GLY D 654 -26.26 26.25 41.84
C GLY D 654 -25.98 25.03 42.67
N LEU D 655 -24.73 24.54 42.58
CA LEU D 655 -24.27 23.40 43.38
C LEU D 655 -23.59 23.84 44.67
N ARG D 656 -22.49 24.59 44.55
CA ARG D 656 -21.74 25.08 45.70
C ARG D 656 -22.09 26.52 46.06
N SER D 657 -22.17 27.40 45.06
CA SER D 657 -22.50 28.80 45.25
C SER D 657 -23.80 29.11 44.52
N GLU D 658 -24.51 30.14 45.00
CA GLU D 658 -25.76 30.53 44.38
C GLU D 658 -25.48 31.11 42.99
N PHE D 659 -26.08 30.49 41.97
CA PHE D 659 -25.82 30.88 40.58
C PHE D 659 -26.43 32.25 40.31
N PRO D 660 -25.67 33.18 39.76
CA PRO D 660 -26.18 34.55 39.60
C PRO D 660 -27.29 34.63 38.57
N ILE D 661 -28.22 35.56 38.81
CA ILE D 661 -29.37 35.70 37.94
C ILE D 661 -28.97 36.31 36.60
N TRP D 662 -27.95 37.18 36.60
CA TRP D 662 -27.54 37.82 35.37
C TRP D 662 -26.99 36.83 34.35
N MET D 663 -26.25 35.82 34.82
CA MET D 663 -25.72 34.81 33.92
C MET D 663 -26.81 33.89 33.38
N MET D 664 -27.96 33.81 34.07
CA MET D 664 -29.08 33.08 33.51
C MET D 664 -29.59 33.74 32.23
N PHE D 665 -29.63 35.06 32.19
CA PHE D 665 -30.05 35.75 30.97
C PHE D 665 -28.87 35.90 29.99
N ALA D 666 -27.66 36.06 30.50
CA ALA D 666 -26.50 36.23 29.64
C ALA D 666 -26.07 34.94 28.95
N SER D 667 -26.66 33.80 29.32
CA SER D 667 -26.35 32.54 28.68
C SER D 667 -26.95 32.44 27.28
N ALA D 668 -27.77 33.41 26.88
CA ALA D 668 -28.37 33.39 25.55
C ALA D 668 -27.32 33.51 24.45
N LEU D 669 -26.32 34.38 24.65
CA LEU D 669 -25.30 34.55 23.62
C LEU D 669 -24.48 33.28 23.41
N PRO D 670 -23.96 32.60 24.45
CA PRO D 670 -23.38 31.28 24.20
C PRO D 670 -24.38 30.30 23.60
N ALA D 671 -25.65 30.40 23.98
CA ALA D 671 -26.66 29.53 23.40
C ALA D 671 -26.84 29.80 21.91
N LEU D 672 -26.81 31.08 21.51
CA LEU D 672 -26.88 31.41 20.09
C LEU D 672 -25.68 30.85 19.35
N LEU D 673 -24.48 30.96 19.95
CA LEU D 673 -23.29 30.42 19.31
C LEU D 673 -23.39 28.90 19.15
N VAL D 674 -23.85 28.20 20.19
CA VAL D 674 -24.00 26.74 20.12
C VAL D 674 -25.06 26.36 19.11
N PHE D 675 -26.17 27.10 19.06
CA PHE D 675 -27.21 26.82 18.09
C PHE D 675 -26.71 26.98 16.67
N ILE D 676 -25.93 28.04 16.42
CA ILE D 676 -25.39 28.24 15.08
C ILE D 676 -24.44 27.10 14.71
N LEU D 677 -23.57 26.70 15.64
CA LEU D 677 -22.65 25.61 15.38
C LEU D 677 -23.40 24.32 15.04
N ILE D 678 -24.32 23.93 15.92
CA ILE D 678 -25.05 22.67 15.73
C ILE D 678 -25.92 22.74 14.48
N PHE D 679 -26.58 23.87 14.27
CA PHE D 679 -27.46 24.03 13.11
C PHE D 679 -26.69 23.88 11.81
N LEU D 680 -25.58 24.60 11.66
CA LEU D 680 -24.82 24.53 10.42
C LEU D 680 -24.26 23.13 10.21
N GLU D 681 -23.66 22.55 11.26
CA GLU D 681 -23.09 21.21 11.11
C GLU D 681 -24.16 20.21 10.71
N SER D 682 -25.28 20.19 11.43
CA SER D 682 -26.30 19.17 11.21
C SER D 682 -27.01 19.36 9.88
N GLN D 683 -27.37 20.59 9.53
CA GLN D 683 -28.09 20.82 8.29
C GLN D 683 -27.21 20.61 7.06
N ILE D 684 -25.94 21.02 7.11
CA ILE D 684 -25.06 20.73 5.99
C ILE D 684 -24.81 19.23 5.87
N THR D 685 -24.71 18.53 7.01
CA THR D 685 -24.58 17.09 6.96
C THR D 685 -25.79 16.44 6.31
N THR D 686 -27.00 16.91 6.66
CA THR D 686 -28.21 16.39 6.06
C THR D 686 -28.27 16.68 4.56
N LEU D 687 -27.81 17.87 4.16
CA LEU D 687 -27.74 18.20 2.74
C LEU D 687 -26.79 17.26 2.00
N ILE D 688 -25.61 17.00 2.58
CA ILE D 688 -24.61 16.21 1.90
C ILE D 688 -25.06 14.76 1.78
N VAL D 689 -25.57 14.17 2.86
CA VAL D 689 -25.93 12.75 2.82
C VAL D 689 -27.16 12.50 1.97
N SER D 690 -28.06 13.48 1.83
CA SER D 690 -29.31 13.31 1.11
C SER D 690 -29.29 13.96 -0.26
N LYS D 691 -28.16 13.92 -0.96
CA LYS D 691 -28.11 14.42 -2.32
C LYS D 691 -29.00 13.57 -3.22
N PRO D 692 -29.63 14.16 -4.24
CA PRO D 692 -30.39 13.33 -5.19
C PRO D 692 -29.53 12.34 -5.95
N GLU D 693 -28.22 12.61 -6.07
CA GLU D 693 -27.32 11.69 -6.76
C GLU D 693 -26.91 10.51 -5.91
N ARG D 694 -27.20 10.53 -4.61
CA ARG D 694 -26.86 9.42 -3.72
C ARG D 694 -27.98 8.40 -3.61
N LYS D 695 -29.09 8.60 -4.33
CA LYS D 695 -30.20 7.65 -4.40
C LYS D 695 -30.84 7.42 -3.03
N MET D 696 -31.29 8.50 -2.41
CA MET D 696 -32.08 8.44 -1.19
C MET D 696 -33.53 8.69 -1.56
N VAL D 697 -34.32 7.62 -1.63
CA VAL D 697 -35.69 7.71 -2.12
C VAL D 697 -36.68 7.56 -0.98
N LYS D 698 -36.26 7.92 0.23
CA LYS D 698 -37.13 7.84 1.39
C LYS D 698 -37.36 9.18 2.06
N GLY D 699 -36.57 10.20 1.76
CA GLY D 699 -36.82 11.54 2.26
C GLY D 699 -36.09 11.83 3.56
N SER D 700 -35.79 13.10 3.76
CA SER D 700 -35.11 13.57 4.96
C SER D 700 -35.86 14.76 5.54
N GLY D 701 -35.80 14.88 6.86
CA GLY D 701 -36.48 15.96 7.53
C GLY D 701 -35.55 16.95 8.20
N PHE D 702 -35.45 18.16 7.64
CA PHE D 702 -34.55 19.15 8.21
C PHE D 702 -35.11 19.73 9.50
N HIS D 703 -36.43 19.92 9.56
CA HIS D 703 -37.03 20.55 10.73
C HIS D 703 -37.11 19.60 11.91
N LEU D 704 -37.40 18.32 11.63
CA LEU D 704 -37.52 17.34 12.72
C LEU D 704 -36.16 17.01 13.31
N ASP D 705 -35.14 16.79 12.46
CA ASP D 705 -33.83 16.40 12.96
C ASP D 705 -33.18 17.52 13.77
N LEU D 706 -33.32 18.76 13.33
CA LEU D 706 -32.80 19.88 14.10
C LEU D 706 -33.48 19.96 15.45
N LEU D 707 -34.80 19.80 15.48
CA LEU D 707 -35.54 19.83 16.73
C LEU D 707 -35.04 18.75 17.68
N LEU D 708 -34.91 17.52 17.17
CA LEU D 708 -34.45 16.43 18.01
C LEU D 708 -33.05 16.70 18.55
N VAL D 709 -32.12 17.09 17.69
CA VAL D 709 -30.73 17.26 18.11
C VAL D 709 -30.61 18.37 19.15
N VAL D 710 -31.16 19.56 18.85
CA VAL D 710 -30.98 20.68 19.75
C VAL D 710 -31.76 20.49 21.05
N GLY D 711 -32.98 19.96 20.97
CA GLY D 711 -33.74 19.70 22.18
C GLY D 711 -33.10 18.65 23.07
N MET D 712 -32.58 17.58 22.47
CA MET D 712 -31.89 16.57 23.26
C MET D 712 -30.61 17.13 23.86
N GLY D 713 -29.92 18.03 23.15
CA GLY D 713 -28.76 18.67 23.74
C GLY D 713 -29.11 19.54 24.92
N GLY D 714 -30.21 20.30 24.81
CA GLY D 714 -30.66 21.09 25.94
C GLY D 714 -31.04 20.24 27.13
N VAL D 715 -31.71 19.11 26.89
CA VAL D 715 -32.07 18.22 27.98
C VAL D 715 -30.82 17.58 28.60
N ALA D 716 -29.86 17.18 27.77
CA ALA D 716 -28.64 16.58 28.27
C ALA D 716 -27.80 17.58 29.06
N ALA D 717 -27.99 18.88 28.80
CA ALA D 717 -27.34 19.89 29.63
C ALA D 717 -27.77 19.79 31.08
N LEU D 718 -29.05 19.50 31.32
CA LEU D 718 -29.57 19.34 32.68
C LEU D 718 -28.87 18.22 33.44
N PHE D 719 -28.38 17.20 32.75
CA PHE D 719 -27.74 16.06 33.39
C PHE D 719 -26.22 16.15 33.35
N GLY D 720 -25.67 17.33 33.04
CA GLY D 720 -24.24 17.49 32.97
C GLY D 720 -23.59 16.74 31.83
N MET D 721 -24.35 16.47 30.77
CA MET D 721 -23.92 15.71 29.62
C MET D 721 -23.78 16.63 28.41
N PRO D 722 -22.90 16.29 27.46
CA PRO D 722 -22.68 17.16 26.30
C PRO D 722 -23.87 17.22 25.37
N TRP D 723 -24.00 18.36 24.68
CA TRP D 723 -24.86 18.44 23.50
C TRP D 723 -24.07 18.01 22.27
N LEU D 724 -24.77 17.38 21.34
CA LEU D 724 -24.13 16.74 20.20
C LEU D 724 -24.60 17.41 18.91
N SER D 725 -24.06 16.91 17.80
CA SER D 725 -24.39 17.43 16.49
C SER D 725 -24.29 16.30 15.48
N ALA D 726 -24.99 16.46 14.35
CA ALA D 726 -24.89 15.49 13.27
C ALA D 726 -23.53 15.65 12.58
N THR D 727 -22.59 14.79 12.93
CA THR D 727 -21.21 14.89 12.47
C THR D 727 -21.12 14.53 11.00
N THR D 728 -20.18 15.17 10.29
CA THR D 728 -20.13 15.07 8.83
C THR D 728 -19.47 13.77 8.38
N VAL D 729 -18.22 13.55 8.80
CA VAL D 729 -17.49 12.36 8.33
C VAL D 729 -18.18 11.09 8.81
N ARG D 730 -18.63 11.07 10.06
CA ARG D 730 -19.30 9.88 10.59
C ARG D 730 -20.58 9.56 9.82
N SER D 731 -21.39 10.57 9.52
CA SER D 731 -22.64 10.33 8.82
C SER D 731 -22.42 9.98 7.35
N VAL D 732 -21.43 10.62 6.72
CA VAL D 732 -21.09 10.28 5.34
C VAL D 732 -20.57 8.84 5.26
N THR D 733 -19.75 8.44 6.24
CA THR D 733 -19.28 7.07 6.30
C THR D 733 -20.43 6.10 6.54
N HIS D 734 -21.39 6.49 7.37
CA HIS D 734 -22.57 5.65 7.60
C HIS D 734 -23.40 5.48 6.34
N ALA D 735 -23.57 6.57 5.57
CA ALA D 735 -24.32 6.49 4.33
C ALA D 735 -23.58 5.65 3.29
N ASN D 736 -22.26 5.80 3.19
CA ASN D 736 -21.49 5.07 2.20
C ASN D 736 -21.45 3.57 2.52
N ALA D 737 -21.45 3.22 3.81
CA ALA D 737 -21.46 1.82 4.19
C ALA D 737 -22.78 1.14 3.85
N LEU D 738 -23.88 1.89 3.79
CA LEU D 738 -25.18 1.36 3.44
C LEU D 738 -25.52 1.56 1.97
N THR D 739 -24.62 2.14 1.19
CA THR D 739 -24.87 2.39 -0.22
C THR D 739 -24.56 1.14 -1.04
N VAL D 740 -25.51 0.75 -1.89
CA VAL D 740 -25.36 -0.41 -2.76
C VAL D 740 -25.02 0.09 -4.16
N MET D 741 -23.97 -0.46 -4.75
CA MET D 741 -23.49 -0.04 -6.05
C MET D 741 -24.10 -0.92 -7.13
N GLY D 742 -24.31 -0.34 -8.32
CA GLY D 742 -24.84 -1.08 -9.45
C GLY D 742 -23.73 -1.79 -10.23
N LYS D 743 -24.14 -2.35 -11.36
CA LYS D 743 -23.22 -3.06 -12.24
C LYS D 743 -22.73 -2.14 -13.36
N ALA D 751 -19.66 1.62 -9.60
CA ALA D 751 -19.66 2.61 -10.67
C ALA D 751 -20.86 3.56 -10.53
N GLN D 752 -22.05 3.00 -10.48
CA GLN D 752 -23.29 3.76 -10.33
C GLN D 752 -23.98 3.36 -9.03
N ILE D 753 -24.37 4.35 -8.24
CA ILE D 753 -25.09 4.09 -7.00
C ILE D 753 -26.48 3.57 -7.32
N GLN D 754 -26.78 2.35 -6.87
CA GLN D 754 -28.03 1.68 -7.19
C GLN D 754 -29.13 2.03 -6.20
N GLU D 755 -28.85 1.89 -4.90
CA GLU D 755 -29.81 2.24 -3.86
C GLU D 755 -29.04 2.45 -2.56
N VAL D 756 -29.77 2.77 -1.50
CA VAL D 756 -29.23 2.91 -0.16
C VAL D 756 -30.08 2.06 0.78
N LYS D 757 -29.42 1.32 1.68
CA LYS D 757 -30.12 0.60 2.73
C LYS D 757 -30.55 1.59 3.80
N GLU D 758 -31.61 2.34 3.49
CA GLU D 758 -32.16 3.31 4.42
C GLU D 758 -32.98 2.59 5.48
N GLN D 759 -32.56 2.69 6.73
CA GLN D 759 -33.23 2.02 7.83
C GLN D 759 -32.82 2.71 9.13
N ARG D 760 -33.52 2.37 10.21
CA ARG D 760 -33.23 2.93 11.53
C ARG D 760 -32.42 2.02 12.41
N ILE D 761 -32.18 0.77 11.99
CA ILE D 761 -31.61 -0.23 12.89
C ILE D 761 -30.12 -0.01 13.09
N SER D 762 -29.41 0.42 12.03
CA SER D 762 -27.95 0.52 12.12
C SER D 762 -27.52 1.59 13.11
N GLY D 763 -28.12 2.78 13.03
CA GLY D 763 -27.79 3.83 13.99
C GLY D 763 -28.21 3.49 15.40
N LEU D 764 -29.37 2.84 15.55
CA LEU D 764 -29.83 2.41 16.86
C LEU D 764 -28.85 1.43 17.48
N LEU D 765 -28.38 0.46 16.70
CA LEU D 765 -27.44 -0.52 17.21
C LEU D 765 -26.09 0.12 17.53
N VAL D 766 -25.67 1.09 16.71
CA VAL D 766 -24.42 1.80 17.01
C VAL D 766 -24.52 2.52 18.34
N ALA D 767 -25.63 3.22 18.57
CA ALA D 767 -25.81 3.93 19.84
C ALA D 767 -25.89 2.95 21.02
N VAL D 768 -26.58 1.81 20.82
CA VAL D 768 -26.67 0.81 21.88
C VAL D 768 -25.30 0.25 22.22
N LEU D 769 -24.49 -0.02 21.21
CA LEU D 769 -23.14 -0.54 21.47
C LEU D 769 -22.26 0.52 22.14
N VAL D 770 -22.42 1.79 21.76
CA VAL D 770 -21.68 2.84 22.43
C VAL D 770 -22.07 2.92 23.91
N GLY D 771 -23.35 2.77 24.20
CA GLY D 771 -23.78 2.74 25.59
C GLY D 771 -23.25 1.55 26.35
N LEU D 772 -23.18 0.39 25.68
CA LEU D 772 -22.67 -0.83 26.29
C LEU D 772 -21.15 -0.94 26.23
N SER D 773 -20.46 0.08 25.72
CA SER D 773 -19.02 0.02 25.58
C SER D 773 -18.31 -0.11 26.93
N ILE D 774 -18.92 0.39 28.01
CA ILE D 774 -18.30 0.24 29.33
C ILE D 774 -18.31 -1.21 29.76
N LEU D 775 -19.39 -1.94 29.50
CA LEU D 775 -19.50 -3.33 29.90
C LEU D 775 -18.58 -4.25 29.11
N MET D 776 -18.19 -3.88 27.90
CA MET D 776 -17.33 -4.70 27.06
C MET D 776 -15.89 -4.19 27.06
N GLU D 777 -15.41 -3.75 28.22
CA GLU D 777 -14.00 -3.38 28.39
C GLU D 777 -13.02 -4.49 28.02
N PRO D 778 -13.23 -5.77 28.35
CA PRO D 778 -12.26 -6.79 27.92
C PRO D 778 -12.08 -6.89 26.41
N ILE D 779 -13.09 -6.52 25.63
CA ILE D 779 -12.97 -6.54 24.17
C ILE D 779 -12.23 -5.32 23.66
N LEU D 780 -12.57 -4.14 24.19
CA LEU D 780 -11.97 -2.90 23.69
C LEU D 780 -10.54 -2.72 24.16
N SER D 781 -10.20 -3.25 25.34
CA SER D 781 -8.86 -3.05 25.90
C SER D 781 -7.78 -3.79 25.11
N ARG D 782 -8.16 -4.66 24.18
CA ARG D 782 -7.21 -5.35 23.32
C ARG D 782 -7.22 -4.80 21.90
N ILE D 783 -7.75 -3.60 21.70
CA ILE D 783 -7.82 -2.96 20.38
C ILE D 783 -6.88 -1.76 20.39
N PRO D 784 -5.81 -1.76 19.61
CA PRO D 784 -4.91 -0.59 19.57
C PRO D 784 -5.57 0.59 18.89
N LEU D 785 -5.11 1.78 19.27
CA LEU D 785 -5.61 2.99 18.61
C LEU D 785 -5.07 3.11 17.20
N ALA D 786 -3.93 2.48 16.91
CA ALA D 786 -3.32 2.60 15.58
C ALA D 786 -4.20 1.96 14.52
N VAL D 787 -4.82 0.82 14.84
CA VAL D 787 -5.78 0.21 13.92
C VAL D 787 -6.92 1.16 13.63
N LEU D 788 -7.42 1.81 14.68
CA LEU D 788 -8.45 2.83 14.50
C LEU D 788 -7.92 4.02 13.71
N PHE D 789 -6.63 4.33 13.83
CA PHE D 789 -6.05 5.41 13.01
C PHE D 789 -6.10 5.05 11.53
N GLY D 790 -5.79 3.80 11.20
CA GLY D 790 -5.91 3.36 9.81
C GLY D 790 -7.34 3.40 9.31
N ILE D 791 -8.29 3.01 10.16
CA ILE D 791 -9.70 3.09 9.80
C ILE D 791 -10.11 4.54 9.59
N PHE D 792 -9.60 5.46 10.41
CA PHE D 792 -9.91 6.88 10.24
C PHE D 792 -9.34 7.41 8.94
N LEU D 793 -8.13 6.98 8.57
CA LEU D 793 -7.57 7.37 7.28
C LEU D 793 -8.43 6.87 6.14
N TYR D 794 -8.92 5.63 6.25
CA TYR D 794 -9.83 5.07 5.25
C TYR D 794 -11.11 5.91 5.15
N MET D 795 -11.68 6.28 6.29
CA MET D 795 -12.89 7.10 6.30
C MET D 795 -12.65 8.44 5.63
N GLY D 796 -11.51 9.07 5.95
CA GLY D 796 -11.20 10.37 5.39
C GLY D 796 -11.00 10.33 3.89
N VAL D 797 -10.29 9.31 3.39
CA VAL D 797 -10.04 9.25 1.95
C VAL D 797 -11.31 8.84 1.21
N THR D 798 -12.18 8.04 1.83
CA THR D 798 -13.41 7.65 1.15
C THR D 798 -14.51 8.70 1.28
N SER D 799 -14.33 9.69 2.15
CA SER D 799 -15.32 10.76 2.26
C SER D 799 -15.19 11.80 1.16
N LEU D 800 -14.17 11.71 0.32
CA LEU D 800 -13.95 12.67 -0.76
C LEU D 800 -14.59 12.25 -2.07
N SER D 801 -15.29 11.11 -2.10
CA SER D 801 -15.73 10.52 -3.36
C SER D 801 -16.78 11.39 -4.04
N GLY D 802 -17.75 11.88 -3.29
CA GLY D 802 -18.86 12.61 -3.90
C GLY D 802 -18.68 14.10 -4.07
N ILE D 803 -17.51 14.65 -3.76
CA ILE D 803 -17.30 16.09 -3.76
C ILE D 803 -16.76 16.51 -5.12
N GLN D 804 -17.49 17.39 -5.81
CA GLN D 804 -17.03 17.86 -7.11
C GLN D 804 -15.88 18.85 -6.97
N LEU D 805 -15.75 19.50 -5.83
CA LEU D 805 -14.58 20.36 -5.59
C LEU D 805 -13.30 19.55 -5.60
N PHE D 806 -13.32 18.37 -4.94
CA PHE D 806 -12.16 17.49 -4.98
C PHE D 806 -11.90 16.97 -6.38
N ASP D 807 -12.97 16.71 -7.14
CA ASP D 807 -12.81 16.25 -8.53
C ASP D 807 -12.16 17.32 -9.38
N ARG D 808 -12.55 18.59 -9.19
CA ARG D 808 -11.98 19.67 -9.98
C ARG D 808 -10.57 20.01 -9.53
N ILE D 809 -10.24 19.76 -8.26
CA ILE D 809 -8.86 19.93 -7.81
C ILE D 809 -7.94 18.93 -8.52
N LEU D 810 -8.45 17.71 -8.75
CA LEU D 810 -7.66 16.72 -9.49
C LEU D 810 -7.52 17.09 -10.95
N LEU D 811 -8.45 17.89 -11.48
CA LEU D 811 -8.33 18.34 -12.87
C LEU D 811 -7.31 19.46 -13.01
N LEU D 812 -6.86 20.07 -11.91
CA LEU D 812 -5.75 21.01 -11.97
C LEU D 812 -4.44 20.33 -12.31
N PHE D 813 -4.39 18.99 -12.22
CA PHE D 813 -3.18 18.22 -12.49
C PHE D 813 -3.38 17.25 -13.65
N LYS D 814 -4.42 17.43 -14.45
CA LYS D 814 -4.66 16.57 -15.60
C LYS D 814 -4.66 17.39 -16.88
N PRO D 815 -4.17 16.83 -17.99
CA PRO D 815 -4.36 17.48 -19.28
C PRO D 815 -5.84 17.62 -19.61
N PRO D 816 -6.24 18.70 -20.26
CA PRO D 816 -7.66 18.88 -20.59
C PRO D 816 -8.22 17.81 -21.51
N LYS D 817 -7.36 17.07 -22.23
CA LYS D 817 -7.87 15.99 -23.07
C LYS D 817 -8.29 14.78 -22.25
N TYR D 818 -7.92 14.73 -20.97
CA TYR D 818 -8.33 13.66 -20.08
C TYR D 818 -9.50 14.03 -19.17
N HIS D 819 -10.03 15.24 -19.29
CA HIS D 819 -11.11 15.66 -18.41
C HIS D 819 -12.37 14.88 -18.73
N PRO D 820 -13.19 14.56 -17.72
CA PRO D 820 -14.36 13.71 -17.97
C PRO D 820 -15.45 14.43 -18.73
N ASP D 821 -16.34 13.64 -19.32
CA ASP D 821 -17.48 14.16 -20.07
C ASP D 821 -18.58 14.54 -19.09
N VAL D 822 -18.43 15.73 -18.50
CA VAL D 822 -19.39 16.25 -17.54
C VAL D 822 -19.77 17.66 -17.97
N PRO D 823 -20.94 18.15 -17.53
CA PRO D 823 -21.39 19.48 -18.00
C PRO D 823 -20.44 20.62 -17.66
N TYR D 824 -19.76 20.58 -16.53
CA TYR D 824 -18.90 21.70 -16.18
C TYR D 824 -17.57 21.68 -16.91
N VAL D 825 -17.28 20.63 -17.67
CA VAL D 825 -16.08 20.56 -18.50
C VAL D 825 -16.41 20.81 -19.96
N LYS D 826 -17.47 20.20 -20.48
CA LYS D 826 -17.84 20.32 -21.89
C LYS D 826 -18.57 21.62 -22.21
N ARG D 827 -18.94 22.41 -21.22
CA ARG D 827 -19.64 23.67 -21.46
C ARG D 827 -18.93 24.88 -20.87
N VAL D 828 -17.78 24.69 -20.20
CA VAL D 828 -17.00 25.78 -19.64
C VAL D 828 -15.56 25.60 -20.09
N LYS D 829 -14.89 26.71 -20.40
CA LYS D 829 -13.47 26.66 -20.75
C LYS D 829 -12.65 26.16 -19.57
N THR D 830 -11.54 25.48 -19.88
CA THR D 830 -10.75 24.82 -18.84
C THR D 830 -10.19 25.83 -17.84
N TRP D 831 -9.68 26.95 -18.33
CA TRP D 831 -9.11 27.94 -17.43
C TRP D 831 -10.21 28.62 -16.62
N ARG D 832 -11.41 28.74 -17.15
CA ARG D 832 -12.53 29.26 -16.37
C ARG D 832 -12.87 28.33 -15.22
N MET D 833 -12.91 27.02 -15.49
CA MET D 833 -13.15 26.05 -14.44
C MET D 833 -12.04 26.07 -13.39
N HIS D 834 -10.79 26.25 -13.84
CA HIS D 834 -9.68 26.33 -12.90
C HIS D 834 -9.74 27.59 -12.06
N LEU D 835 -10.20 28.70 -12.63
CA LEU D 835 -10.40 29.91 -11.85
C LEU D 835 -11.49 29.72 -10.79
N PHE D 836 -12.59 29.08 -11.18
CA PHE D 836 -13.66 28.77 -10.23
C PHE D 836 -13.14 27.86 -9.12
N THR D 837 -12.33 26.86 -9.47
CA THR D 837 -11.76 25.96 -8.48
C THR D 837 -10.79 26.67 -7.55
N GLY D 838 -9.95 27.53 -8.11
CA GLY D 838 -8.97 28.25 -7.30
C GLY D 838 -9.60 29.25 -6.37
N ILE D 839 -10.77 29.79 -6.76
CA ILE D 839 -11.50 30.66 -5.85
C ILE D 839 -11.95 29.88 -4.62
N GLN D 840 -12.40 28.64 -4.82
CA GLN D 840 -12.79 27.81 -3.68
C GLN D 840 -11.60 27.44 -2.81
N ILE D 841 -10.43 27.24 -3.42
CA ILE D 841 -9.23 26.90 -2.66
C ILE D 841 -8.82 28.07 -1.78
N ILE D 842 -9.02 29.30 -2.26
CA ILE D 842 -8.79 30.48 -1.42
C ILE D 842 -9.71 30.45 -0.21
N CYS D 843 -10.98 30.09 -0.42
CA CYS D 843 -11.91 29.96 0.70
C CYS D 843 -11.47 28.89 1.66
N LEU D 844 -10.98 27.76 1.14
CA LEU D 844 -10.49 26.69 2.00
C LEU D 844 -9.28 27.15 2.83
N ALA D 845 -8.36 27.89 2.21
CA ALA D 845 -7.19 28.38 2.93
C ALA D 845 -7.60 29.38 4.01
N VAL D 846 -8.53 30.28 3.69
CA VAL D 846 -9.00 31.24 4.70
C VAL D 846 -9.69 30.53 5.85
N LEU D 847 -10.51 29.52 5.54
CA LEU D 847 -11.17 28.75 6.60
C LEU D 847 -10.16 27.98 7.44
N TRP D 848 -9.13 27.43 6.82
CA TRP D 848 -8.09 26.71 7.56
C TRP D 848 -7.33 27.65 8.48
N VAL D 849 -7.05 28.87 8.02
CA VAL D 849 -6.36 29.85 8.86
C VAL D 849 -7.21 30.19 10.08
N VAL D 850 -8.52 30.33 9.90
CA VAL D 850 -9.41 30.64 11.01
C VAL D 850 -9.41 29.51 12.04
N LYS D 851 -9.37 28.26 11.57
CA LYS D 851 -9.34 27.12 12.49
C LYS D 851 -8.09 27.12 13.36
N SER D 852 -6.95 27.51 12.80
CA SER D 852 -5.68 27.53 13.52
C SER D 852 -5.44 28.82 14.28
N THR D 853 -6.50 29.56 14.60
CA THR D 853 -6.44 30.78 15.38
C THR D 853 -7.33 30.64 16.60
N PRO D 854 -7.13 31.46 17.63
CA PRO D 854 -8.05 31.42 18.78
C PRO D 854 -9.50 31.66 18.42
N ALA D 855 -9.77 32.41 17.37
CA ALA D 855 -11.15 32.65 16.92
C ALA D 855 -11.62 31.55 15.96
N SER D 856 -11.51 30.30 16.39
CA SER D 856 -12.02 29.19 15.58
C SER D 856 -13.53 29.02 15.70
N LEU D 857 -14.15 29.65 16.69
CA LEU D 857 -15.60 29.62 16.81
C LEU D 857 -16.28 30.53 15.81
N ALA D 858 -15.54 31.39 15.12
CA ALA D 858 -16.08 32.20 14.05
C ALA D 858 -16.09 31.49 12.71
N LEU D 859 -15.63 30.24 12.67
CA LEU D 859 -15.66 29.45 11.44
C LEU D 859 -17.04 29.32 10.80
N PRO D 860 -18.14 29.09 11.54
CA PRO D 860 -19.45 29.06 10.87
C PRO D 860 -19.80 30.36 10.15
N PHE D 861 -19.42 31.51 10.69
CA PHE D 861 -19.75 32.78 10.03
C PHE D 861 -18.91 32.98 8.77
N VAL D 862 -17.63 32.61 8.82
CA VAL D 862 -16.79 32.70 7.63
C VAL D 862 -17.29 31.73 6.57
N LEU D 863 -17.81 30.58 6.99
CA LEU D 863 -18.41 29.64 6.04
C LEU D 863 -19.68 30.21 5.42
N ILE D 864 -20.53 30.83 6.25
CA ILE D 864 -21.76 31.46 5.76
C ILE D 864 -21.42 32.55 4.76
N LEU D 865 -20.28 33.22 4.93
CA LEU D 865 -19.86 34.26 3.99
C LEU D 865 -19.63 33.72 2.59
N THR D 866 -19.51 32.41 2.41
CA THR D 866 -19.38 31.86 1.06
C THR D 866 -20.69 31.98 0.28
N VAL D 867 -21.83 32.02 0.97
CA VAL D 867 -23.13 32.16 0.32
C VAL D 867 -23.25 33.52 -0.37
N PRO D 868 -22.90 34.65 0.27
CA PRO D 868 -22.82 35.90 -0.51
C PRO D 868 -21.80 35.84 -1.62
N LEU D 869 -20.69 35.12 -1.41
CA LEU D 869 -19.68 35.00 -2.47
C LEU D 869 -20.25 34.29 -3.68
N ARG D 870 -21.02 33.22 -3.47
CA ARG D 870 -21.62 32.51 -4.59
C ARG D 870 -22.74 33.30 -5.23
N ARG D 871 -23.61 33.93 -4.44
CA ARG D 871 -24.81 34.55 -4.98
C ARG D 871 -24.61 35.99 -5.44
N VAL D 872 -23.48 36.62 -5.13
CA VAL D 872 -23.25 38.02 -5.44
C VAL D 872 -22.00 38.21 -6.29
N LEU D 873 -20.83 37.84 -5.77
CA LEU D 873 -19.56 38.12 -6.42
C LEU D 873 -19.24 37.17 -7.57
N LEU D 874 -19.63 35.91 -7.48
CA LEU D 874 -19.41 34.99 -8.58
C LEU D 874 -20.13 35.36 -9.87
N PRO D 875 -21.39 35.80 -9.87
CA PRO D 875 -21.99 36.26 -11.14
C PRO D 875 -21.28 37.44 -11.78
N LEU D 876 -20.51 38.22 -11.01
CA LEU D 876 -19.73 39.31 -11.59
C LEU D 876 -18.62 38.82 -12.51
N ILE D 877 -18.10 37.62 -12.28
CA ILE D 877 -17.01 37.09 -13.10
C ILE D 877 -17.38 35.81 -13.83
N PHE D 878 -18.56 35.24 -13.60
CA PHE D 878 -19.00 34.05 -14.31
C PHE D 878 -20.39 34.29 -14.89
N ARG D 879 -20.64 33.66 -16.04
CA ARG D 879 -21.97 33.74 -16.64
C ARG D 879 -22.93 32.80 -15.93
N ASN D 880 -24.21 32.95 -16.24
CA ASN D 880 -25.24 32.11 -15.63
C ASN D 880 -25.06 30.65 -16.03
N VAL D 881 -24.73 30.40 -17.31
CA VAL D 881 -24.59 29.03 -17.77
C VAL D 881 -23.39 28.36 -17.12
N GLU D 882 -22.28 29.10 -16.97
CA GLU D 882 -21.11 28.55 -16.31
C GLU D 882 -21.39 28.19 -14.86
N LEU D 883 -22.11 29.07 -14.14
CA LEU D 883 -22.45 28.80 -12.75
C LEU D 883 -23.41 27.63 -12.64
N GLN D 884 -24.36 27.52 -13.56
CA GLN D 884 -25.29 26.40 -13.55
C GLN D 884 -24.57 25.07 -13.79
N CYS D 885 -23.61 25.06 -14.72
CA CYS D 885 -22.86 23.84 -14.97
C CYS D 885 -21.94 23.50 -13.80
N LEU D 886 -21.35 24.52 -13.17
CA LEU D 886 -20.38 24.31 -12.10
C LEU D 886 -21.03 24.09 -10.74
N ASP D 887 -21.99 24.92 -10.37
CA ASP D 887 -22.65 24.86 -9.06
C ASP D 887 -24.10 24.43 -9.31
N ALA D 888 -24.30 23.13 -9.45
CA ALA D 888 -25.59 22.57 -9.80
C ALA D 888 -26.13 21.77 -8.63
N ASP D 889 -27.43 21.91 -8.37
CA ASP D 889 -28.04 21.23 -7.24
C ASP D 889 -28.13 19.72 -7.46
N ASP D 890 -28.15 19.28 -8.73
CA ASP D 890 -28.32 17.85 -8.98
C ASP D 890 -27.43 17.34 -10.12
N ALA D 891 -26.38 18.08 -10.49
CA ALA D 891 -25.42 17.70 -11.53
C ALA D 891 -26.13 17.45 -12.86
N LYS D 892 -26.69 18.54 -13.40
CA LYS D 892 -27.41 18.51 -14.66
C LYS D 892 -26.84 19.57 -15.60
N ALA D 893 -27.00 19.32 -16.90
CA ALA D 893 -26.41 20.14 -17.95
C ALA D 893 -27.18 21.44 -18.17
N THR D 894 -27.14 22.32 -17.16
CA THR D 894 -27.81 23.63 -17.20
C THR D 894 -29.30 23.52 -17.52
C1 NAG E . 42.20 -18.33 4.27
C2 NAG E . 41.18 -18.36 5.40
C3 NAG E . 41.79 -19.00 6.64
C4 NAG E . 42.38 -20.37 6.30
C5 NAG E . 43.35 -20.25 5.13
C6 NAG E . 43.89 -21.57 4.66
C7 NAG E . 39.39 -16.72 5.80
C8 NAG E . 39.08 -15.29 6.12
N2 NAG E . 40.69 -17.02 5.70
O3 NAG E . 40.79 -19.15 7.64
O4 NAG E . 43.06 -20.89 7.43
O5 NAG E . 42.68 -19.64 4.01
O6 NAG E . 43.06 -22.13 3.64
O7 NAG E . 38.51 -17.57 5.63
C1 NAG E . 42.32 -22.01 7.94
C2 NAG E . 43.28 -22.90 8.74
C3 NAG E . 42.58 -23.49 9.97
C4 NAG E . 41.13 -23.85 9.68
C5 NAG E . 40.36 -22.66 9.10
C6 NAG E . 39.34 -22.09 10.07
C7 NAG E . 44.94 -23.79 7.17
C8 NAG E . 45.37 -24.97 6.36
N2 NAG E . 43.83 -23.95 7.90
O3 NAG E . 42.64 -22.57 11.05
O4 NAG E . 41.06 -24.94 8.76
O5 NAG E . 41.27 -21.59 8.79
O6 NAG E . 39.77 -22.21 11.42
O7 NAG E . 45.57 -22.74 7.16
C1 NAG F . -12.69 17.07 40.90
C2 NAG F . -11.23 17.13 40.49
C3 NAG F . -10.38 17.74 41.59
C4 NAG F . -10.95 19.09 42.02
C5 NAG F . -12.44 18.95 42.37
C6 NAG F . -13.10 20.27 42.66
C7 NAG F . -9.91 15.59 39.10
C8 NAG F . -9.49 14.18 38.88
N2 NAG F . -10.72 15.80 40.13
O3 NAG F . -9.04 17.90 41.14
O4 NAG F . -10.25 19.56 43.17
O5 NAG F . -13.14 18.38 41.26
O6 NAG F . -14.51 20.18 42.54
O7 NAG F . -9.52 16.50 38.38
C1 NAG F . -9.47 20.71 42.78
C2 NAG F . -9.09 21.44 44.07
C3 NAG F . -7.69 22.07 43.95
C4 NAG F . -7.40 22.55 42.53
C5 NAG F . -7.65 21.45 41.50
C6 NAG F . -6.37 20.93 40.87
C7 NAG F . -11.20 22.17 45.07
C8 NAG F . -12.12 23.32 45.34
N2 NAG F . -10.08 22.45 44.41
O3 NAG F . -6.71 21.12 44.36
O4 NAG F . -8.21 23.68 42.23
O5 NAG F . -8.30 20.32 42.10
O6 NAG F . -5.26 21.06 41.75
O7 NAG F . -11.47 21.02 45.45
C1 CLR G . 50.97 -35.39 -17.96
C2 CLR G . 52.17 -35.40 -17.04
C3 CLR G . 53.09 -34.22 -17.30
C4 CLR G . 52.30 -32.92 -17.18
C5 CLR G . 51.07 -32.92 -18.06
C6 CLR G . 50.74 -31.84 -18.76
C7 CLR G . 49.51 -31.72 -19.60
C8 CLR G . 48.44 -32.72 -19.17
C9 CLR G . 49.05 -34.10 -18.97
C10 CLR G . 50.13 -34.10 -17.86
C11 CLR G . 47.95 -35.16 -18.72
C12 CLR G . 46.77 -35.12 -19.69
C13 CLR G . 46.18 -33.72 -19.80
C14 CLR G . 47.33 -32.78 -20.19
C15 CLR G . 46.65 -31.48 -20.59
C16 CLR G . 45.28 -31.91 -21.14
C17 CLR G . 45.22 -33.46 -21.00
C18 CLR G . 45.52 -33.30 -18.49
C19 CLR G . 49.49 -33.97 -16.47
C20 CLR G . 43.80 -34.06 -20.99
C21 CLR G . 43.47 -34.81 -22.27
C22 CLR G . 42.72 -32.99 -20.68
C23 CLR G . 41.87 -32.49 -21.83
C24 CLR G . 41.88 -30.98 -21.92
C25 CLR G . 40.58 -30.30 -21.46
C26 CLR G . 40.57 -30.19 -19.94
C27 CLR G . 39.36 -31.06 -21.94
O1 CLR G . 54.15 -34.28 -16.37
C1 PIO H . -21.73 -16.76 -11.08
O1 PIO H . -21.73 -18.06 -10.54
P1 PIO H . -21.54 -19.32 -11.58
C2 PIO H . -20.87 -15.87 -10.18
O2 PIO H . -21.30 -15.99 -8.85
C3 PIO H . -20.92 -14.40 -10.62
O3 PIO H . -20.17 -13.63 -9.72
C4 PIO H . -22.36 -13.88 -10.67
O4 PIO H . -22.34 -12.61 -11.30
P4 PIO H . -22.12 -11.24 -10.40
C5 PIO H . -23.27 -14.77 -11.51
O5 PIO H . -24.60 -14.37 -11.33
P5 PIO H . -25.33 -13.58 -12.58
C6 PIO H . -23.17 -16.27 -11.19
O6 PIO H . -23.80 -16.97 -12.24
O11 PIO H . -20.35 -19.07 -12.46
O12 PIO H . -22.78 -19.46 -12.43
O13 PIO H . -21.32 -20.72 -10.72
C1A PIO H . -18.25 -19.49 -9.32
O1A PIO H . -18.76 -18.46 -9.62
C1B PIO H . -17.53 -22.80 -7.10
O1B PIO H . -17.91 -22.02 -6.30
C1C PIO H . -20.01 -21.18 -10.55
C2A PIO H . -16.84 -19.79 -9.82
C2B PIO H . -16.81 -24.08 -6.65
C2C PIO H . -19.75 -21.38 -9.05
O2C PIO H . -18.93 -20.39 -8.49
C3A PIO H . -15.83 -19.08 -8.94
C3B PIO H . -15.61 -23.71 -5.77
C3C PIO H . -19.10 -22.75 -8.84
O3C PIO H . -17.77 -22.57 -8.46
O41 PIO H . -23.23 -11.11 -9.39
O42 PIO H . -20.80 -11.29 -9.69
O43 PIO H . -22.14 -10.06 -11.34
C4A PIO H . -14.71 -20.05 -8.57
C4B PIO H . -16.02 -23.63 -4.31
O51 PIO H . -25.47 -12.12 -12.22
O52 PIO H . -24.46 -13.71 -13.81
O53 PIO H . -26.68 -14.19 -12.84
C5A PIO H . -13.77 -19.35 -7.59
C5B PIO H . -15.80 -22.20 -3.82
C6A PIO H . -13.81 -20.04 -6.23
C6B PIO H . -16.13 -22.12 -2.32
C7A PIO H . -12.52 -19.76 -5.48
C7B PIO H . -15.94 -20.68 -1.85
C8A PIO H . -12.64 -20.22 -4.03
C8B PIO H . -14.71 -20.60 -0.95
C1 CLR I . -35.88 34.80 40.44
C2 CLR I . -35.77 34.75 41.96
C3 CLR I . -36.69 33.69 42.52
C4 CLR I . -36.30 32.34 41.94
C5 CLR I . -36.36 32.34 40.44
C6 CLR I . -37.03 31.37 39.80
C7 CLR I . -37.15 31.28 38.31
C8 CLR I . -36.16 32.18 37.59
C9 CLR I . -36.16 33.56 38.27
C10 CLR I . -35.63 33.45 39.72
C11 CLR I . -35.42 34.62 37.44
C12 CLR I . -35.81 34.65 35.95
C13 CLR I . -35.69 33.28 35.30
C14 CLR I . -36.54 32.31 36.13
C15 CLR I . -36.57 31.03 35.31
C16 CLR I . -36.45 31.53 33.85
C17 CLR I . -36.40 33.07 33.94
C18 CLR I . -34.23 32.83 35.23
C19 CLR I . -34.13 33.13 39.75
C20 CLR I . -35.90 33.77 32.66
C21 CLR I . -37.03 34.42 31.86
C22 CLR I . -35.06 32.82 31.79
C23 CLR I . -35.55 32.53 30.37
C24 CLR I . -36.25 31.17 30.27
C25 CLR I . -35.55 30.15 29.40
C26 CLR I . -34.18 29.82 29.99
C27 CLR I . -35.37 30.65 27.97
O1 CLR I . -36.60 33.71 43.93
C1 PIO J . -1.09 17.79 -23.53
O1 PIO J . -0.62 19.08 -23.21
P1 PIO J . -1.64 20.36 -23.37
C2 PIO J . -0.61 16.81 -22.45
O2 PIO J . 0.80 16.88 -22.40
C3 PIO J . -1.02 15.37 -22.77
O3 PIO J . -0.45 14.51 -21.80
C4 PIO J . -0.53 14.93 -24.15
O4 PIO J . -1.08 13.67 -24.44
P4 PIO J . -0.21 12.32 -24.04
C5 PIO J . -0.95 15.93 -25.25
O5 PIO J . -0.32 15.58 -26.45
P5 PIO J . -1.12 14.64 -27.54
C6 PIO J . -0.58 17.37 -24.91
O6 PIO J . -1.12 18.23 -25.88
O11 PIO J . -2.88 20.11 -22.55
O12 PIO J . -2.02 20.53 -24.81
O13 PIO J . -0.90 21.73 -22.84
C1A PIO J . -1.01 20.29 -19.47
O1A PIO J . -0.76 19.33 -20.11
C1B PIO J . 1.27 23.80 -18.20
O1B PIO J . 1.93 22.83 -18.00
C1C PIO J . -1.12 22.16 -21.52
C2A PIO J . -2.28 20.33 -18.62
C2B PIO J . 1.42 25.02 -17.30
C2C PIO J . 0.15 21.94 -20.71
O2C PIO J . -0.16 21.39 -19.46
C3A PIO J . -2.00 19.66 -17.28
C3B PIO J . 1.70 24.56 -15.87
C3C PIO J . 0.85 23.27 -20.46
O3C PIO J . 0.36 23.81 -19.26
O41 PIO J . 1.14 12.39 -24.71
O42 PIO J . -0.02 12.28 -22.55
O43 PIO J . -0.96 11.10 -24.50
C4A PIO J . -1.03 20.52 -16.50
C4B PIO J . 3.20 24.63 -15.61
O51 PIO J . -0.73 13.20 -27.37
O52 PIO J . -2.61 14.78 -27.32
O53 PIO J . -0.77 15.10 -28.93
C5A PIO J . -1.10 20.14 -15.01
C5B PIO J . 3.64 23.34 -14.92
C6A PIO J . -0.37 21.22 -14.22
C6B PIO J . 4.36 22.46 -15.93
C7A PIO J . 1.07 20.75 -13.97
C7B PIO J . 4.50 21.04 -15.39
C8A PIO J . 1.08 19.87 -12.74
C8B PIO J . 5.10 21.06 -13.99
#